data_5J5O
#
_entry.id   5J5O
#
_cell.length_a   37.990
_cell.length_b   38.030
_cell.length_c   146.640
_cell.angle_alpha   88.55
_cell.angle_beta   84.70
_cell.angle_gamma   76.67
#
_symmetry.space_group_name_H-M   'P 1'
#
loop_
_entity.id
_entity.type
_entity.pdbx_description
1 polymer 'Eukaryotic translation initiation factor 4E'
2 non-polymer "5'-O-[(R)-hydroxy{[(R)-hydroxy{[(S)-hydroxy(phosphonooxy)phosphoryl]oxy}phosphoryl]oxy}phosphoryl]-7-methylguanosine"
3 non-polymer GLYCEROL
4 water water
#
_entity_poly.entity_id   1
_entity_poly.type   'polypeptide(L)'
_entity_poly.pdbx_seq_one_letter_code
;VANPEHYIKHPLQNRWALWFFKNDKSKTWQANLRLISKFDTVEDFWALYNHIQLSSNLMPGCDYSLFKDGIEPMWEDEKN
KRGGRWLITLNKQQRRSDLDRFWLETLLCLIGESFDDYSDDVCGAVVNVRAKGDKIAIWTTECENRDAVTHIGRVYKERL
GLPPKIVIGYQSHADTATKSGSTTKNRFVV
;
_entity_poly.pdbx_strand_id   A,B,C,D
#
# COMPACT_ATOMS: atom_id res chain seq x y z
N PRO A 4 -37.94 8.21 28.73
CA PRO A 4 -36.79 7.32 28.55
C PRO A 4 -35.53 8.08 28.14
N GLU A 5 -35.59 8.76 26.99
CA GLU A 5 -34.42 9.49 26.50
C GLU A 5 -33.89 10.47 27.54
N HIS A 6 -34.76 11.02 28.39
CA HIS A 6 -34.36 12.17 29.19
C HIS A 6 -33.46 11.78 30.36
N TYR A 7 -33.37 10.50 30.72
CA TYR A 7 -32.65 10.11 31.92
C TYR A 7 -31.81 8.85 31.77
N ILE A 8 -31.86 8.17 30.64
CA ILE A 8 -31.13 6.93 30.38
C ILE A 8 -29.77 7.26 29.78
N LYS A 9 -28.72 6.61 30.29
CA LYS A 9 -27.41 6.70 29.64
C LYS A 9 -27.43 5.84 28.39
N HIS A 10 -26.70 6.25 27.36
CA HIS A 10 -26.78 5.53 26.08
CA HIS A 10 -26.80 5.52 26.10
C HIS A 10 -25.89 4.29 26.12
N PRO A 11 -26.44 3.08 26.08
CA PRO A 11 -25.61 1.89 26.18
C PRO A 11 -24.85 1.62 24.91
N LEU A 12 -23.61 1.13 25.06
CA LEU A 12 -22.79 0.78 23.92
C LEU A 12 -23.14 -0.63 23.44
N GLN A 13 -22.79 -0.91 22.19
CA GLN A 13 -22.95 -2.27 21.66
C GLN A 13 -22.16 -3.27 22.50
N ASN A 14 -20.94 -2.91 22.92
CA ASN A 14 -20.11 -3.76 23.77
C ASN A 14 -19.73 -3.04 25.05
N ARG A 15 -19.45 -3.84 26.08
CA ARG A 15 -18.74 -3.35 27.26
C ARG A 15 -17.24 -3.50 27.04
N TRP A 16 -16.51 -2.44 27.40
CA TRP A 16 -15.08 -2.30 27.10
C TRP A 16 -14.31 -2.15 28.40
N ALA A 17 -13.06 -2.61 28.37
CA ALA A 17 -12.14 -2.48 29.49
C ALA A 17 -10.92 -1.72 29.01
N LEU A 18 -10.51 -0.72 29.78
CA LEU A 18 -9.27 0.01 29.54
C LEU A 18 -8.19 -0.51 30.48
N TRP A 19 -7.05 -0.82 29.90
CA TRP A 19 -5.87 -1.36 30.56
C TRP A 19 -4.73 -0.37 30.44
N PHE A 20 -3.84 -0.41 31.42
CA PHE A 20 -2.68 0.45 31.44
C PHE A 20 -1.49 -0.45 31.63
N PHE A 21 -0.40 -0.14 30.95
CA PHE A 21 0.87 -0.85 31.11
C PHE A 21 1.94 0.16 31.47
N LYS A 22 2.72 -0.13 32.51
CA LYS A 22 3.88 0.71 32.80
C LYS A 22 5.11 -0.20 32.83
N ASN A 23 6.11 0.18 32.05
CA ASN A 23 7.36 -0.59 32.00
C ASN A 23 8.04 -0.50 33.35
N ASP A 24 8.09 -1.60 34.06
CA ASP A 24 8.89 -1.73 35.26
C ASP A 24 9.76 -2.97 35.07
N LYS A 25 11.08 -2.78 35.07
CA LYS A 25 12.01 -3.90 34.84
C LYS A 25 12.00 -4.92 35.98
N SER A 26 11.55 -4.54 37.17
CA SER A 26 11.40 -5.48 38.26
C SER A 26 10.35 -6.55 37.96
N LYS A 27 9.52 -6.37 36.94
CA LYS A 27 8.31 -7.15 36.77
C LYS A 27 8.24 -7.83 35.41
N THR A 28 7.53 -8.96 35.35
CA THR A 28 7.25 -9.56 34.05
CA THR A 28 7.30 -9.53 34.04
C THR A 28 6.32 -8.67 33.25
N TRP A 29 6.32 -8.85 31.93
CA TRP A 29 5.44 -8.04 31.09
C TRP A 29 3.98 -8.22 31.50
N GLN A 30 3.56 -9.48 31.74
CA GLN A 30 2.18 -9.72 32.13
C GLN A 30 1.87 -9.02 33.45
N ALA A 31 2.81 -9.01 34.40
CA ALA A 31 2.57 -8.38 35.70
C ALA A 31 2.48 -6.88 35.62
N ASN A 32 2.94 -6.29 34.52
CA ASN A 32 2.94 -4.85 34.36
C ASN A 32 1.65 -4.36 33.75
N LEU A 33 0.79 -5.29 33.37
CA LEU A 33 -0.49 -5.02 32.74
C LEU A 33 -1.55 -4.90 33.84
N ARG A 34 -2.42 -3.90 33.74
CA ARG A 34 -3.33 -3.63 34.85
C ARG A 34 -4.64 -3.06 34.34
N LEU A 35 -5.74 -3.71 34.72
CA LEU A 35 -7.05 -3.21 34.32
C LEU A 35 -7.39 -1.96 35.11
N ILE A 36 -7.83 -0.92 34.40
CA ILE A 36 -8.16 0.36 34.99
C ILE A 36 -9.62 0.38 35.37
N SER A 37 -10.48 0.17 34.39
CA SER A 37 -11.91 0.20 34.64
C SER A 37 -12.62 -0.30 33.39
N LYS A 38 -13.89 -0.61 33.58
CA LYS A 38 -14.76 -1.01 32.49
CA LYS A 38 -14.77 -1.02 32.50
C LYS A 38 -15.90 0.00 32.39
N PHE A 39 -16.49 0.08 31.19
CA PHE A 39 -17.64 0.96 30.94
C PHE A 39 -18.49 0.35 29.84
N ASP A 40 -19.78 0.71 29.82
CA ASP A 40 -20.61 0.19 28.74
C ASP A 40 -21.64 1.20 28.25
N THR A 41 -21.44 2.48 28.52
CA THR A 41 -22.29 3.54 28.02
C THR A 41 -21.43 4.65 27.43
N VAL A 42 -22.04 5.45 26.56
CA VAL A 42 -21.35 6.63 26.03
C VAL A 42 -20.88 7.53 27.18
N GLU A 43 -21.80 7.88 28.09
CA GLU A 43 -21.49 8.77 29.19
C GLU A 43 -20.35 8.24 30.06
N ASP A 44 -20.33 6.93 30.31
CA ASP A 44 -19.26 6.40 31.14
C ASP A 44 -17.96 6.31 30.37
N PHE A 45 -18.01 6.20 29.05
CA PHE A 45 -16.78 6.31 28.29
C PHE A 45 -16.15 7.67 28.49
N TRP A 46 -16.93 8.73 28.36
CA TRP A 46 -16.34 10.06 28.39
C TRP A 46 -15.91 10.45 29.81
N ALA A 47 -16.64 9.99 30.82
CA ALA A 47 -16.20 10.21 32.20
C ALA A 47 -14.79 9.63 32.39
N LEU A 48 -14.55 8.44 31.84
CA LEU A 48 -13.23 7.84 32.01
C LEU A 48 -12.19 8.55 31.16
N TYR A 49 -12.47 8.76 29.87
CA TYR A 49 -11.51 9.44 29.00
C TYR A 49 -11.14 10.83 29.54
N ASN A 50 -12.11 11.59 30.06
CA ASN A 50 -11.83 12.95 30.53
C ASN A 50 -11.03 12.97 31.82
N HIS A 51 -10.79 11.81 32.41
CA HIS A 51 -10.23 11.62 33.74
C HIS A 51 -8.77 11.19 33.71
N ILE A 52 -8.32 10.60 32.61
CA ILE A 52 -7.00 9.99 32.52
C ILE A 52 -6.10 10.84 31.64
N GLN A 53 -4.79 10.57 31.71
CA GLN A 53 -3.81 11.33 30.94
C GLN A 53 -3.97 11.08 29.45
N LEU A 54 -3.71 12.11 28.65
CA LEU A 54 -3.52 11.94 27.22
C LEU A 54 -2.32 11.04 26.97
N SER A 55 -2.40 10.32 25.84
CA SER A 55 -1.35 9.38 25.51
C SER A 55 -0.01 10.09 25.36
N SER A 56 -0.03 11.33 24.83
CA SER A 56 1.19 12.09 24.64
C SER A 56 1.81 12.54 25.95
N ASN A 57 1.09 12.38 27.07
CA ASN A 57 1.58 12.77 28.39
C ASN A 57 2.11 11.61 29.20
N LEU A 58 2.09 10.40 28.64
CA LEU A 58 2.58 9.23 29.35
C LEU A 58 4.10 9.16 29.30
N MET A 59 4.70 8.70 30.39
CA MET A 59 6.12 8.38 30.40
C MET A 59 6.43 7.33 29.32
N PRO A 60 7.47 7.54 28.50
CA PRO A 60 7.89 6.47 27.58
C PRO A 60 7.94 5.11 28.25
N GLY A 61 7.45 4.09 27.56
CA GLY A 61 7.33 2.76 28.10
C GLY A 61 5.92 2.34 28.46
N CYS A 62 4.97 3.26 28.49
CA CYS A 62 3.61 2.97 28.90
C CYS A 62 2.74 2.62 27.71
N ASP A 63 1.69 1.83 27.97
CA ASP A 63 0.62 1.59 27.01
C ASP A 63 -0.73 1.91 27.64
N TYR A 64 -1.68 2.26 26.80
CA TYR A 64 -3.09 2.04 27.09
C TYR A 64 -3.60 0.93 26.19
N SER A 65 -4.55 0.11 26.67
CA SER A 65 -5.24 -0.80 25.77
C SER A 65 -6.74 -0.74 26.04
N LEU A 66 -7.55 -0.75 24.98
CA LEU A 66 -9.00 -0.84 25.10
C LEU A 66 -9.43 -2.11 24.41
N PHE A 67 -9.99 -3.04 25.17
CA PHE A 67 -10.41 -4.31 24.62
C PHE A 67 -11.84 -4.66 25.04
N LYS A 68 -12.48 -5.48 24.21
CA LYS A 68 -13.80 -6.00 24.57
C LYS A 68 -13.74 -6.71 25.91
N ASP A 69 -14.75 -6.47 26.74
CA ASP A 69 -14.86 -7.13 28.03
C ASP A 69 -14.74 -8.62 27.83
N GLY A 70 -13.80 -9.24 28.55
CA GLY A 70 -13.52 -10.65 28.41
C GLY A 70 -12.34 -10.99 27.52
N ILE A 71 -11.77 -10.03 26.79
CA ILE A 71 -10.60 -10.28 25.96
C ILE A 71 -9.42 -9.61 26.63
N GLU A 72 -8.44 -10.41 27.04
CA GLU A 72 -7.30 -9.72 27.63
C GLU A 72 -6.40 -9.17 26.52
N PRO A 73 -5.68 -7.94 26.78
CA PRO A 73 -4.90 -7.31 25.70
C PRO A 73 -3.53 -7.96 25.51
N MET A 74 -3.54 -9.27 25.24
CA MET A 74 -2.29 -10.01 25.03
C MET A 74 -2.50 -11.08 23.98
N TRP A 75 -1.42 -11.40 23.28
CA TRP A 75 -1.44 -12.44 22.23
C TRP A 75 -2.00 -13.75 22.72
N GLU A 76 -1.78 -14.07 23.99
CA GLU A 76 -2.12 -15.39 24.53
C GLU A 76 -3.62 -15.59 24.68
N ASP A 77 -4.43 -14.54 24.59
CA ASP A 77 -5.86 -14.69 24.77
C ASP A 77 -6.43 -15.49 23.61
N GLU A 78 -7.40 -16.36 23.93
CA GLU A 78 -7.96 -17.23 22.89
CA GLU A 78 -7.98 -17.22 22.90
C GLU A 78 -8.45 -16.41 21.70
N LYS A 79 -8.98 -15.21 21.94
CA LYS A 79 -9.47 -14.35 20.86
C LYS A 79 -8.37 -13.56 20.18
N ASN A 80 -7.15 -13.58 20.71
CA ASN A 80 -6.02 -12.95 20.02
C ASN A 80 -5.04 -13.93 19.40
N LYS A 81 -4.90 -15.15 19.95
CA LYS A 81 -3.88 -16.13 19.53
C LYS A 81 -3.73 -16.24 18.02
N ARG A 82 -4.84 -16.29 17.29
CA ARG A 82 -4.83 -16.49 15.85
C ARG A 82 -5.05 -15.20 15.07
N GLY A 83 -4.95 -14.05 15.73
CA GLY A 83 -5.24 -12.78 15.12
C GLY A 83 -4.00 -12.00 14.73
N GLY A 84 -4.14 -10.67 14.72
CA GLY A 84 -3.09 -9.80 14.26
C GLY A 84 -3.54 -8.37 14.42
N ARG A 85 -2.77 -7.45 13.86
CA ARG A 85 -3.08 -6.05 14.15
C ARG A 85 -2.84 -5.17 12.94
N TRP A 86 -3.70 -4.15 12.80
CA TRP A 86 -3.42 -3.03 11.91
C TRP A 86 -2.54 -2.02 12.64
N LEU A 87 -1.36 -1.77 12.12
CA LEU A 87 -0.34 -1.02 12.85
C LEU A 87 -0.18 0.36 12.23
N ILE A 88 -0.27 1.39 13.06
CA ILE A 88 0.06 2.76 12.68
C ILE A 88 1.40 3.07 13.33
N THR A 89 2.40 3.39 12.53
CA THR A 89 3.73 3.71 13.05
C THR A 89 3.94 5.22 12.94
N LEU A 90 4.12 5.87 14.09
CA LEU A 90 4.26 7.31 14.19
C LEU A 90 5.74 7.68 14.38
N ASN A 91 6.17 8.81 13.80
CA ASN A 91 7.51 9.29 14.08
C ASN A 91 7.47 10.14 15.35
N LYS A 92 8.66 10.55 15.80
CA LYS A 92 8.75 11.26 17.08
C LYS A 92 8.02 12.59 17.00
N GLN A 93 8.03 13.26 15.84
CA GLN A 93 7.32 14.53 15.68
C GLN A 93 5.80 14.37 15.75
N GLN A 94 5.29 13.15 15.53
CA GLN A 94 3.85 12.95 15.55
C GLN A 94 3.29 12.70 16.96
N ARG A 95 4.14 12.45 17.95
CA ARG A 95 3.64 12.45 19.33
C ARG A 95 2.86 13.72 19.63
N ARG A 96 3.37 14.86 19.15
CA ARG A 96 2.68 16.13 19.29
C ARG A 96 1.49 16.28 18.34
N SER A 97 1.66 15.94 17.05
CA SER A 97 0.64 16.36 16.09
CA SER A 97 0.67 16.33 16.05
C SER A 97 -0.50 15.35 15.94
N ASP A 98 -0.23 14.06 16.07
CA ASP A 98 -1.23 13.07 15.69
C ASP A 98 -1.53 12.02 16.73
N LEU A 99 -0.67 11.80 17.73
CA LEU A 99 -0.87 10.63 18.57
C LEU A 99 -2.24 10.69 19.23
N ASP A 100 -2.52 11.78 19.94
CA ASP A 100 -3.75 11.84 20.72
C ASP A 100 -4.99 11.84 19.82
N ARG A 101 -4.97 12.57 18.70
CA ARG A 101 -6.18 12.57 17.87
C ARG A 101 -6.38 11.21 17.21
N PHE A 102 -5.28 10.55 16.83
CA PHE A 102 -5.38 9.21 16.26
C PHE A 102 -5.91 8.21 17.27
N TRP A 103 -5.43 8.30 18.51
CA TRP A 103 -5.88 7.36 19.53
C TRP A 103 -7.36 7.56 19.82
N LEU A 104 -7.77 8.81 20.01
CA LEU A 104 -9.18 9.07 20.28
C LEU A 104 -10.04 8.58 19.13
N GLU A 105 -9.61 8.86 17.90
CA GLU A 105 -10.34 8.33 16.75
C GLU A 105 -10.41 6.82 16.82
N THR A 106 -9.33 6.17 17.27
CA THR A 106 -9.37 4.71 17.33
C THR A 106 -10.34 4.23 18.40
N LEU A 107 -10.33 4.89 19.56
CA LEU A 107 -11.28 4.56 20.62
C LEU A 107 -12.72 4.62 20.10
N LEU A 108 -13.02 5.64 19.32
CA LEU A 108 -14.36 5.80 18.79
C LEU A 108 -14.68 4.75 17.72
N CYS A 109 -13.71 4.41 16.88
CA CYS A 109 -13.94 3.33 15.91
C CYS A 109 -14.39 2.06 16.62
N LEU A 110 -13.78 1.75 17.76
CA LEU A 110 -14.16 0.53 18.50
C LEU A 110 -15.55 0.69 19.13
N ILE A 111 -15.73 1.70 20.01
CA ILE A 111 -16.96 1.74 20.78
C ILE A 111 -18.15 2.07 19.90
N GLY A 112 -17.93 2.77 18.81
CA GLY A 112 -19.04 2.99 17.92
C GLY A 112 -19.24 1.89 16.89
N GLU A 113 -18.46 0.81 16.95
CA GLU A 113 -18.63 -0.35 16.07
C GLU A 113 -18.60 0.05 14.59
N SER A 114 -17.48 0.66 14.18
CA SER A 114 -17.46 1.38 12.91
C SER A 114 -17.13 0.51 11.71
N PHE A 115 -16.89 -0.79 11.89
CA PHE A 115 -16.44 -1.63 10.79
C PHE A 115 -17.56 -2.48 10.20
N ASP A 116 -18.79 -1.95 10.25
CA ASP A 116 -19.97 -2.58 9.65
C ASP A 116 -20.07 -3.99 10.25
N ASP A 117 -20.25 -5.04 9.44
CA ASP A 117 -20.44 -6.37 10.03
C ASP A 117 -19.16 -6.91 10.65
N TYR A 118 -18.00 -6.47 10.17
CA TYR A 118 -16.75 -7.03 10.66
C TYR A 118 -16.31 -6.44 12.00
N SER A 119 -17.11 -5.58 12.62
CA SER A 119 -16.73 -5.10 13.95
C SER A 119 -16.65 -6.25 14.94
N ASP A 120 -17.42 -7.31 14.71
CA ASP A 120 -17.28 -8.50 15.52
C ASP A 120 -15.88 -9.12 15.42
N ASP A 121 -15.13 -8.83 14.35
CA ASP A 121 -13.77 -9.33 14.30
C ASP A 121 -12.79 -8.53 15.15
N VAL A 122 -13.18 -7.34 15.63
CA VAL A 122 -12.28 -6.48 16.40
C VAL A 122 -12.17 -7.02 17.81
N CYS A 123 -10.96 -7.02 18.36
CA CYS A 123 -10.71 -7.40 19.75
C CYS A 123 -10.37 -6.21 20.63
N GLY A 124 -9.54 -5.30 20.15
CA GLY A 124 -9.35 -4.04 20.85
C GLY A 124 -8.34 -3.17 20.13
N ALA A 125 -7.75 -2.22 20.88
CA ALA A 125 -6.71 -1.36 20.34
C ALA A 125 -5.67 -1.08 21.42
N VAL A 126 -4.46 -0.82 20.96
CA VAL A 126 -3.33 -0.57 21.84
C VAL A 126 -2.62 0.66 21.33
N VAL A 127 -2.24 1.55 22.25
CA VAL A 127 -1.27 2.59 21.92
C VAL A 127 -0.01 2.37 22.75
N ASN A 128 1.14 2.30 22.06
CA ASN A 128 2.46 2.22 22.69
C ASN A 128 3.14 3.58 22.64
N VAL A 129 3.42 4.15 23.80
CA VAL A 129 4.18 5.39 23.89
C VAL A 129 5.64 5.00 24.03
N ARG A 130 6.46 5.28 23.00
CA ARG A 130 7.84 4.83 23.01
C ARG A 130 8.73 5.97 22.50
N ALA A 131 9.87 6.15 23.16
CA ALA A 131 10.81 7.18 22.71
C ALA A 131 11.25 6.92 21.28
N LYS A 132 11.32 5.66 20.87
CA LYS A 132 11.76 5.34 19.51
C LYS A 132 10.74 5.74 18.46
N GLY A 133 9.48 5.93 18.86
CA GLY A 133 8.40 6.21 17.94
C GLY A 133 7.14 5.53 18.45
N ASP A 134 6.05 6.27 18.54
CA ASP A 134 4.85 5.67 19.11
C ASP A 134 4.17 4.76 18.09
N LYS A 135 3.27 3.91 18.60
CA LYS A 135 2.47 3.01 17.77
C LYS A 135 1.03 2.97 18.27
N ILE A 136 0.10 2.91 17.34
CA ILE A 136 -1.30 2.62 17.63
C ILE A 136 -1.68 1.39 16.80
N ALA A 137 -2.46 0.49 17.38
CA ALA A 137 -2.87 -0.66 16.59
C ALA A 137 -4.28 -1.10 16.95
N ILE A 138 -5.00 -1.61 15.95
CA ILE A 138 -6.27 -2.31 16.14
C ILE A 138 -6.00 -3.78 15.99
N TRP A 139 -6.41 -4.55 16.99
CA TRP A 139 -6.21 -5.98 17.04
C TRP A 139 -7.50 -6.67 16.61
N THR A 140 -7.39 -7.64 15.70
CA THR A 140 -8.51 -8.43 15.21
C THR A 140 -8.23 -9.90 15.48
N THR A 141 -9.28 -10.71 15.37
CA THR A 141 -9.27 -12.01 16.00
C THR A 141 -8.72 -13.10 15.10
N GLU A 142 -8.62 -12.87 13.80
CA GLU A 142 -8.25 -13.96 12.91
C GLU A 142 -7.52 -13.37 11.72
N CYS A 143 -6.20 -13.61 11.65
CA CYS A 143 -5.38 -12.99 10.61
C CYS A 143 -5.60 -13.62 9.25
N GLU A 144 -6.33 -14.73 9.19
CA GLU A 144 -6.65 -15.39 7.93
C GLU A 144 -7.99 -14.97 7.33
N ASN A 145 -8.81 -14.18 8.05
CA ASN A 145 -10.06 -13.69 7.45
CA ASN A 145 -10.06 -13.67 7.48
C ASN A 145 -9.73 -12.47 6.60
N ARG A 146 -9.41 -12.74 5.33
CA ARG A 146 -9.00 -11.71 4.41
C ARG A 146 -10.01 -10.56 4.33
N ASP A 147 -11.29 -10.89 4.15
CA ASP A 147 -12.22 -9.81 3.84
C ASP A 147 -12.61 -9.01 5.07
N ALA A 148 -12.61 -9.64 6.24
CA ALA A 148 -12.78 -8.88 7.48
C ALA A 148 -11.57 -7.96 7.72
N VAL A 149 -10.37 -8.53 7.69
CA VAL A 149 -9.18 -7.72 7.97
C VAL A 149 -9.09 -6.55 7.00
N THR A 150 -9.29 -6.81 5.71
CA THR A 150 -9.07 -5.77 4.72
C THR A 150 -10.09 -4.64 4.84
N HIS A 151 -11.36 -4.98 5.11
CA HIS A 151 -12.37 -3.94 5.27
C HIS A 151 -12.08 -3.09 6.50
N ILE A 152 -11.82 -3.75 7.63
CA ILE A 152 -11.37 -3.06 8.83
C ILE A 152 -10.22 -2.11 8.50
N GLY A 153 -9.24 -2.60 7.74
CA GLY A 153 -8.07 -1.79 7.43
C GLY A 153 -8.40 -0.55 6.61
N ARG A 154 -9.28 -0.69 5.61
CA ARG A 154 -9.62 0.42 4.73
C ARG A 154 -10.45 1.48 5.44
N VAL A 155 -11.44 1.06 6.23
CA VAL A 155 -12.24 1.98 7.05
C VAL A 155 -11.37 2.75 8.01
N TYR A 156 -10.50 2.03 8.73
CA TYR A 156 -9.64 2.65 9.73
C TYR A 156 -8.75 3.71 9.11
N LYS A 157 -8.11 3.36 8.00
CA LYS A 157 -7.24 4.30 7.31
C LYS A 157 -8.00 5.58 6.94
N GLU A 158 -9.22 5.44 6.43
CA GLU A 158 -9.97 6.64 6.03
C GLU A 158 -10.45 7.44 7.24
N ARG A 159 -10.82 6.75 8.32
CA ARG A 159 -11.25 7.45 9.53
C ARG A 159 -10.09 8.20 10.18
N LEU A 160 -8.86 7.67 10.10
CA LEU A 160 -7.70 8.42 10.56
C LEU A 160 -7.32 9.54 9.62
N GLY A 161 -7.88 9.57 8.41
CA GLY A 161 -7.51 10.60 7.45
C GLY A 161 -6.16 10.42 6.79
N LEU A 162 -5.64 9.20 6.76
CA LEU A 162 -4.32 8.97 6.17
C LEU A 162 -4.41 9.05 4.64
N PRO A 163 -3.46 9.72 3.99
CA PRO A 163 -3.56 9.93 2.54
C PRO A 163 -3.16 8.67 1.79
N PRO A 164 -3.47 8.61 0.48
CA PRO A 164 -2.98 7.48 -0.33
C PRO A 164 -1.47 7.37 -0.41
N LYS A 165 -0.74 8.44 -0.10
CA LYS A 165 0.71 8.39 -0.04
C LYS A 165 1.22 7.54 1.12
N ILE A 166 0.34 7.18 2.05
CA ILE A 166 0.65 6.32 3.19
C ILE A 166 0.10 4.93 2.90
N VAL A 167 0.85 3.89 3.27
CA VAL A 167 0.34 2.53 3.33
C VAL A 167 0.52 2.01 4.74
N ILE A 168 -0.49 1.31 5.28
CA ILE A 168 -0.40 0.71 6.59
C ILE A 168 -0.44 -0.81 6.43
N GLY A 169 0.15 -1.51 7.39
CA GLY A 169 0.35 -2.95 7.29
C GLY A 169 -0.32 -3.69 8.42
N TYR A 170 -0.75 -4.93 8.12
CA TYR A 170 -1.39 -5.81 9.09
C TYR A 170 -0.46 -6.98 9.39
N GLN A 171 -0.15 -7.21 10.67
CA GLN A 171 0.80 -8.23 11.08
C GLN A 171 0.13 -9.25 11.99
N SER A 172 0.33 -10.54 11.71
CA SER A 172 -0.21 -11.57 12.60
C SER A 172 0.57 -11.61 13.92
N HIS A 173 -0.16 -11.80 15.02
CA HIS A 173 0.48 -11.94 16.33
C HIS A 173 1.42 -13.13 16.36
N ALA A 174 1.14 -14.17 15.57
CA ALA A 174 2.05 -15.32 15.57
C ALA A 174 3.39 -14.95 14.95
N ASP A 175 3.40 -13.97 14.04
CA ASP A 175 4.65 -13.48 13.48
C ASP A 175 5.34 -12.50 14.41
N THR A 176 4.58 -11.71 15.16
CA THR A 176 5.18 -10.76 16.09
C THR A 176 5.84 -11.47 17.27
N ALA A 177 5.17 -12.51 17.80
CA ALA A 177 5.62 -13.16 19.03
C ALA A 177 6.93 -13.92 18.85
N THR A 178 7.51 -13.89 17.65
CA THR A 178 8.75 -14.63 17.43
C THR A 178 9.80 -13.77 16.75
N LYS A 185 6.91 -8.61 8.98
CA LYS A 185 6.14 -9.17 7.87
C LYS A 185 4.70 -8.72 7.91
N ASN A 186 4.28 -8.02 6.85
CA ASN A 186 2.89 -7.63 6.68
C ASN A 186 2.15 -8.70 5.87
N ARG A 187 1.00 -9.12 6.38
CA ARG A 187 0.14 -10.01 5.60
C ARG A 187 -0.70 -9.24 4.60
N PHE A 188 -1.19 -8.08 5.01
CA PHE A 188 -1.96 -7.22 4.14
C PHE A 188 -1.47 -5.80 4.28
N VAL A 189 -1.79 -5.01 3.26
CA VAL A 189 -1.50 -3.59 3.21
C VAL A 189 -2.70 -2.89 2.58
N VAL A 190 -3.06 -1.74 3.13
CA VAL A 190 -4.08 -0.87 2.55
C VAL A 190 -3.53 0.56 2.55
N PRO B 4 -24.44 -21.25 -37.99
CA PRO B 4 -24.36 -20.01 -37.22
C PRO B 4 -23.12 -19.93 -36.34
N GLU B 5 -23.06 -20.77 -35.32
CA GLU B 5 -21.96 -20.77 -34.38
C GLU B 5 -20.74 -21.51 -34.91
N HIS B 6 -20.89 -22.29 -35.99
CA HIS B 6 -19.82 -23.14 -36.48
C HIS B 6 -18.84 -22.42 -37.41
N TYR B 7 -19.06 -21.15 -37.75
CA TYR B 7 -18.22 -20.51 -38.76
C TYR B 7 -17.99 -19.02 -38.56
N ILE B 8 -18.60 -18.36 -37.58
CA ILE B 8 -18.38 -16.94 -37.37
CA ILE B 8 -18.38 -16.94 -37.37
C ILE B 8 -17.28 -16.72 -36.35
N LYS B 9 -16.40 -15.76 -36.62
CA LYS B 9 -15.47 -15.35 -35.58
C LYS B 9 -16.24 -14.76 -34.41
N HIS B 10 -15.62 -14.78 -33.25
CA HIS B 10 -16.25 -14.25 -32.05
C HIS B 10 -15.95 -12.76 -31.94
N PRO B 11 -16.95 -11.88 -32.10
CA PRO B 11 -16.66 -10.45 -32.09
C PRO B 11 -16.44 -9.97 -30.68
N LEU B 12 -15.49 -9.06 -30.52
CA LEU B 12 -15.24 -8.46 -29.22
C LEU B 12 -16.18 -7.30 -29.01
N GLN B 13 -16.40 -6.95 -27.74
CA GLN B 13 -17.22 -5.78 -27.43
C GLN B 13 -16.64 -4.52 -28.06
N ASN B 14 -15.32 -4.32 -27.98
CA ASN B 14 -14.69 -3.19 -28.63
C ASN B 14 -13.69 -3.64 -29.69
N ARG B 15 -13.48 -2.78 -30.67
CA ARG B 15 -12.39 -2.94 -31.60
C ARG B 15 -11.21 -2.21 -30.99
N TRP B 16 -10.04 -2.77 -31.18
CA TRP B 16 -8.84 -2.42 -30.43
C TRP B 16 -7.73 -2.10 -31.43
N ALA B 17 -6.75 -1.31 -30.98
CA ALA B 17 -5.65 -0.92 -31.86
C ALA B 17 -4.36 -1.13 -31.08
N LEU B 18 -3.45 -1.89 -31.66
CA LEU B 18 -2.16 -2.14 -31.06
C LEU B 18 -1.15 -1.18 -31.67
N TRP B 19 -0.37 -0.54 -30.80
CA TRP B 19 0.63 0.43 -31.19
C TRP B 19 1.99 -0.02 -30.70
N PHE B 20 3.02 0.33 -31.46
CA PHE B 20 4.40 0.07 -31.10
C PHE B 20 5.11 1.41 -30.97
N PHE B 21 6.05 1.47 -30.04
CA PHE B 21 6.89 2.65 -29.84
C PHE B 21 8.33 2.19 -29.89
N LYS B 22 9.13 2.86 -30.70
CA LYS B 22 10.56 2.57 -30.79
C LYS B 22 11.30 3.83 -30.39
N ASN B 23 12.13 3.75 -29.36
CA ASN B 23 12.88 4.93 -28.94
C ASN B 23 13.90 5.27 -30.03
N ASP B 24 13.67 6.37 -30.73
CA ASP B 24 14.66 6.90 -31.65
C ASP B 24 14.89 8.37 -31.31
N LYS B 25 16.12 8.68 -30.87
CA LYS B 25 16.46 10.04 -30.47
C LYS B 25 16.37 11.04 -31.62
N SER B 26 16.30 10.57 -32.86
CA SER B 26 16.19 11.45 -34.02
CA SER B 26 16.20 11.51 -33.97
C SER B 26 14.79 12.03 -34.18
N LYS B 27 13.78 11.44 -33.53
CA LYS B 27 12.39 11.83 -33.74
C LYS B 27 11.75 12.31 -32.44
N THR B 28 10.63 13.02 -32.58
CA THR B 28 9.88 13.35 -31.39
C THR B 28 9.19 12.10 -30.85
N TRP B 29 8.73 12.20 -29.60
CA TRP B 29 8.04 11.08 -28.98
C TRP B 29 6.82 10.66 -29.81
N GLN B 30 6.08 11.63 -30.32
CA GLN B 30 4.88 11.28 -31.10
C GLN B 30 5.25 10.68 -32.44
N ALA B 31 6.37 11.08 -33.05
CA ALA B 31 6.71 10.48 -34.33
C ALA B 31 7.14 9.03 -34.18
N ASN B 32 7.58 8.63 -32.97
CA ASN B 32 8.05 7.27 -32.71
C ASN B 32 6.93 6.30 -32.43
N LEU B 33 5.70 6.82 -32.28
CA LEU B 33 4.53 6.00 -31.98
C LEU B 33 3.89 5.61 -33.31
N ARG B 34 3.74 4.31 -33.55
CA ARG B 34 3.19 3.84 -34.81
C ARG B 34 2.03 2.88 -34.56
N LEU B 35 0.99 3.00 -35.37
CA LEU B 35 -0.08 2.01 -35.30
C LEU B 35 0.36 0.74 -36.00
N ILE B 36 0.16 -0.39 -35.33
CA ILE B 36 0.52 -1.70 -35.88
C ILE B 36 -0.66 -2.20 -36.68
N SER B 37 -1.77 -2.48 -36.00
CA SER B 37 -2.99 -2.92 -36.68
C SER B 37 -4.13 -2.88 -35.69
N LYS B 38 -5.32 -3.21 -36.17
CA LYS B 38 -6.54 -3.19 -35.39
CA LYS B 38 -6.55 -3.18 -35.41
C LYS B 38 -7.20 -4.56 -35.50
N PHE B 39 -8.08 -4.85 -34.54
CA PHE B 39 -8.80 -6.11 -34.57
C PHE B 39 -10.06 -5.96 -33.75
N ASP B 40 -11.05 -6.81 -34.04
CA ASP B 40 -12.28 -6.71 -33.29
C ASP B 40 -12.91 -8.08 -33.09
N THR B 41 -12.10 -9.14 -33.08
CA THR B 41 -12.59 -10.49 -32.81
C THR B 41 -11.52 -11.21 -31.99
N VAL B 42 -11.96 -12.18 -31.19
CA VAL B 42 -11.02 -13.05 -30.49
C VAL B 42 -9.98 -13.65 -31.44
N GLU B 43 -10.44 -14.21 -32.56
CA GLU B 43 -9.56 -14.88 -33.50
C GLU B 43 -8.49 -13.94 -34.04
N ASP B 44 -8.89 -12.73 -34.41
CA ASP B 44 -7.94 -11.76 -34.95
C ASP B 44 -7.02 -11.24 -33.86
N PHE B 45 -7.48 -11.22 -32.62
CA PHE B 45 -6.58 -10.88 -31.53
C PHE B 45 -5.45 -11.91 -31.45
N TRP B 46 -5.79 -13.19 -31.51
CA TRP B 46 -4.76 -14.21 -31.30
C TRP B 46 -3.83 -14.32 -32.50
N ALA B 47 -4.33 -14.05 -33.70
CA ALA B 47 -3.48 -14.02 -34.89
C ALA B 47 -2.43 -12.92 -34.78
N LEU B 48 -2.83 -11.75 -34.26
CA LEU B 48 -1.91 -10.65 -34.05
C LEU B 48 -0.93 -10.98 -32.93
N TYR B 49 -1.45 -11.37 -31.75
CA TYR B 49 -0.58 -11.69 -30.61
C TYR B 49 0.44 -12.78 -30.97
N ASN B 50 0.02 -13.78 -31.75
CA ASN B 50 0.96 -14.86 -32.08
C ASN B 50 1.99 -14.45 -33.14
N HIS B 51 1.83 -13.28 -33.74
CA HIS B 51 2.67 -12.79 -34.82
C HIS B 51 3.83 -11.93 -34.31
N ILE B 52 3.69 -11.34 -33.13
CA ILE B 52 4.55 -10.26 -32.70
C ILE B 52 5.45 -10.75 -31.57
N GLN B 53 6.48 -9.96 -31.33
CA GLN B 53 7.47 -10.32 -30.32
C GLN B 53 6.83 -10.27 -28.94
N LEU B 54 7.28 -11.16 -28.06
CA LEU B 54 7.00 -10.97 -26.63
C LEU B 54 7.65 -9.68 -26.13
N SER B 55 6.94 -8.98 -25.23
CA SER B 55 7.48 -7.74 -24.64
C SER B 55 8.86 -7.97 -24.06
N SER B 56 9.10 -9.15 -23.48
CA SER B 56 10.42 -9.42 -22.90
CA SER B 56 10.42 -9.42 -22.89
C SER B 56 11.53 -9.48 -23.94
N ASN B 57 11.18 -9.62 -25.21
CA ASN B 57 12.17 -9.70 -26.28
C ASN B 57 12.35 -8.39 -27.03
N LEU B 58 11.64 -7.34 -26.62
CA LEU B 58 11.80 -6.02 -27.22
C LEU B 58 13.07 -5.35 -26.72
N MET B 59 13.63 -4.49 -27.56
CA MET B 59 14.76 -3.70 -27.14
C MET B 59 14.32 -2.70 -26.08
N PRO B 60 15.16 -2.45 -25.07
CA PRO B 60 14.81 -1.45 -24.04
C PRO B 60 14.54 -0.09 -24.65
N GLY B 61 13.48 0.56 -24.18
CA GLY B 61 13.01 1.80 -24.75
C GLY B 61 11.76 1.67 -25.62
N CYS B 62 11.27 0.46 -25.88
CA CYS B 62 10.11 0.23 -26.73
C CYS B 62 8.84 0.05 -25.91
N ASP B 63 7.69 0.39 -26.50
CA ASP B 63 6.39 0.11 -25.87
C ASP B 63 5.51 -0.66 -26.85
N TYR B 64 4.62 -1.47 -26.28
CA TYR B 64 3.34 -1.80 -26.89
C TYR B 64 2.26 -1.03 -26.17
N SER B 65 1.21 -0.61 -26.90
CA SER B 65 0.01 -0.07 -26.29
C SER B 65 -1.22 -0.67 -26.96
N LEU B 66 -2.22 -1.12 -26.17
CA LEU B 66 -3.49 -1.56 -26.73
C LEU B 66 -4.55 -0.58 -26.26
N PHE B 67 -5.14 0.15 -27.20
CA PHE B 67 -6.19 1.12 -26.88
C PHE B 67 -7.43 0.84 -27.73
N LYS B 68 -8.58 1.18 -27.16
CA LYS B 68 -9.82 1.16 -27.92
C LYS B 68 -9.66 2.00 -29.17
N ASP B 69 -10.14 1.47 -30.29
CA ASP B 69 -10.15 2.21 -31.54
C ASP B 69 -10.72 3.61 -31.33
N GLY B 70 -9.98 4.62 -31.78
CA GLY B 70 -10.40 6.00 -31.63
C GLY B 70 -9.74 6.75 -30.50
N ILE B 71 -9.00 6.05 -29.61
CA ILE B 71 -8.26 6.68 -28.51
C ILE B 71 -6.76 6.55 -28.80
N GLU B 72 -6.09 7.68 -28.97
CA GLU B 72 -4.64 7.57 -29.14
C GLU B 72 -3.97 7.25 -27.82
N PRO B 73 -2.80 6.37 -27.82
CA PRO B 73 -2.13 6.01 -26.55
C PRO B 73 -1.28 7.15 -25.97
N MET B 74 -1.90 8.32 -25.77
CA MET B 74 -1.15 9.46 -25.28
C MET B 74 -2.04 10.34 -24.39
N TRP B 75 -1.40 11.06 -23.47
CA TRP B 75 -2.12 11.91 -22.52
C TRP B 75 -3.03 12.90 -23.22
N GLU B 76 -2.65 13.35 -24.41
CA GLU B 76 -3.33 14.47 -25.02
C GLU B 76 -4.69 14.11 -25.61
N ASP B 77 -4.97 12.82 -25.80
CA ASP B 77 -6.28 12.41 -26.30
C ASP B 77 -7.37 12.93 -25.36
N GLU B 78 -8.52 13.32 -25.94
CA GLU B 78 -9.62 13.81 -25.12
C GLU B 78 -10.06 12.77 -24.08
N LYS B 79 -10.01 11.49 -24.43
CA LYS B 79 -10.39 10.44 -23.48
C LYS B 79 -9.32 10.13 -22.45
N ASN B 80 -8.13 10.73 -22.56
CA ASN B 80 -7.02 10.44 -21.64
C ASN B 80 -6.59 11.61 -20.78
N LYS B 81 -6.86 12.85 -21.17
CA LYS B 81 -6.28 13.99 -20.45
C LYS B 81 -6.83 14.15 -19.03
N ARG B 82 -8.05 13.72 -18.76
CA ARG B 82 -8.60 13.82 -17.41
C ARG B 82 -8.31 12.58 -16.58
N GLY B 83 -7.60 11.59 -17.15
CA GLY B 83 -7.51 10.29 -16.54
C GLY B 83 -6.18 9.97 -15.91
N GLY B 84 -5.86 8.69 -15.88
CA GLY B 84 -4.65 8.25 -15.23
C GLY B 84 -4.45 6.77 -15.46
N ARG B 85 -3.65 6.14 -14.60
CA ARG B 85 -3.24 4.76 -14.87
C ARG B 85 -3.04 4.01 -13.57
N TRP B 86 -3.46 2.74 -13.55
CA TRP B 86 -3.00 1.77 -12.56
C TRP B 86 -1.64 1.27 -13.00
N LEU B 87 -0.60 1.55 -12.20
CA LEU B 87 0.75 1.26 -12.63
C LEU B 87 1.30 0.02 -11.92
N ILE B 88 1.79 -0.91 -12.72
CA ILE B 88 2.48 -2.10 -12.28
C ILE B 88 3.97 -1.82 -12.50
N THR B 89 4.75 -1.74 -11.44
CA THR B 89 6.19 -1.55 -11.57
C THR B 89 6.91 -2.86 -11.34
N LEU B 90 7.80 -3.21 -12.25
CA LEU B 90 8.50 -4.49 -12.22
C LEU B 90 9.99 -4.24 -12.01
N ASN B 91 10.60 -4.99 -11.11
CA ASN B 91 12.03 -4.89 -11.01
C ASN B 91 12.68 -5.62 -12.18
N LYS B 92 14.00 -5.47 -12.29
CA LYS B 92 14.73 -5.99 -13.43
C LYS B 92 14.58 -7.49 -13.56
N GLN B 93 14.38 -8.18 -12.43
N GLN B 93 14.42 -8.20 -12.45
CA GLN B 93 14.28 -9.63 -12.40
CA GLN B 93 14.27 -9.65 -12.55
C GLN B 93 12.92 -10.15 -12.87
C GLN B 93 12.95 -10.01 -13.22
N GLN B 94 11.88 -9.30 -12.88
CA GLN B 94 10.54 -9.69 -13.33
C GLN B 94 10.32 -9.58 -14.83
N ARG B 95 11.28 -9.05 -15.59
CA ARG B 95 11.19 -9.22 -17.03
C ARG B 95 11.07 -10.70 -17.38
N ARG B 96 11.95 -11.52 -16.80
CA ARG B 96 11.91 -12.96 -17.06
C ARG B 96 10.66 -13.60 -16.45
N SER B 97 10.35 -13.25 -15.18
CA SER B 97 9.37 -14.04 -14.46
C SER B 97 7.92 -13.63 -14.77
N ASP B 98 7.65 -12.33 -14.91
CA ASP B 98 6.26 -11.86 -14.86
C ASP B 98 5.85 -11.02 -16.07
N LEU B 99 6.79 -10.31 -16.69
CA LEU B 99 6.46 -9.29 -17.69
C LEU B 99 5.52 -9.83 -18.75
N ASP B 100 5.91 -10.91 -19.43
CA ASP B 100 5.08 -11.42 -20.52
C ASP B 100 3.74 -11.93 -20.01
N ARG B 101 3.72 -12.61 -18.87
CA ARG B 101 2.46 -13.19 -18.42
C ARG B 101 1.52 -12.11 -17.91
N PHE B 102 2.05 -11.14 -17.16
CA PHE B 102 1.27 -9.97 -16.73
C PHE B 102 0.69 -9.22 -17.91
N TRP B 103 1.49 -8.99 -18.96
CA TRP B 103 0.98 -8.25 -20.12
C TRP B 103 -0.15 -9.02 -20.81
N LEU B 104 0.05 -10.30 -21.07
CA LEU B 104 -1.05 -11.08 -21.66
C LEU B 104 -2.32 -10.97 -20.82
N GLU B 105 -2.20 -11.10 -19.50
CA GLU B 105 -3.37 -10.97 -18.62
C GLU B 105 -4.03 -9.61 -18.78
N THR B 106 -3.22 -8.56 -18.95
CA THR B 106 -3.71 -7.20 -19.10
C THR B 106 -4.46 -7.05 -20.42
N LEU B 107 -3.90 -7.61 -21.48
CA LEU B 107 -4.59 -7.61 -22.77
C LEU B 107 -5.96 -8.28 -22.66
N LEU B 108 -6.05 -9.40 -21.92
CA LEU B 108 -7.33 -10.12 -21.84
C LEU B 108 -8.34 -9.37 -20.96
N CYS B 109 -7.88 -8.74 -19.87
CA CYS B 109 -8.75 -7.87 -19.07
C CYS B 109 -9.41 -6.79 -19.92
N LEU B 110 -8.69 -6.28 -20.93
CA LEU B 110 -9.23 -5.24 -21.79
C LEU B 110 -10.24 -5.82 -22.78
N ILE B 111 -9.78 -6.72 -23.66
CA ILE B 111 -10.65 -7.23 -24.70
C ILE B 111 -11.79 -8.08 -24.13
N GLY B 112 -11.60 -8.66 -22.96
CA GLY B 112 -12.65 -9.41 -22.31
C GLY B 112 -13.58 -8.59 -21.44
N GLU B 113 -13.32 -7.28 -21.33
CA GLU B 113 -14.18 -6.32 -20.61
C GLU B 113 -14.39 -6.74 -19.15
N SER B 114 -13.30 -6.95 -18.45
CA SER B 114 -13.36 -7.71 -17.21
C SER B 114 -13.75 -6.89 -15.99
N PHE B 115 -14.01 -5.59 -16.13
CA PHE B 115 -14.27 -4.73 -14.97
C PHE B 115 -15.75 -4.35 -14.85
N ASP B 116 -16.63 -5.22 -15.32
CA ASP B 116 -18.09 -5.07 -15.12
C ASP B 116 -18.52 -3.76 -15.80
N ASP B 117 -19.42 -2.98 -15.19
CA ASP B 117 -19.89 -1.75 -15.82
C ASP B 117 -18.77 -0.73 -16.00
N TYR B 118 -17.68 -0.88 -15.26
CA TYR B 118 -16.57 0.07 -15.30
C TYR B 118 -15.56 -0.23 -16.38
N SER B 119 -15.77 -1.26 -17.19
CA SER B 119 -14.90 -1.45 -18.33
C SER B 119 -14.99 -0.28 -19.31
N ASP B 120 -16.13 0.42 -19.31
CA ASP B 120 -16.22 1.59 -20.18
C ASP B 120 -15.26 2.70 -19.76
N ASP B 121 -14.83 2.73 -18.50
CA ASP B 121 -13.82 3.71 -18.14
C ASP B 121 -12.43 3.38 -18.68
N VAL B 122 -12.17 2.13 -19.09
CA VAL B 122 -10.84 1.74 -19.53
C VAL B 122 -10.59 2.30 -20.93
N CYS B 123 -9.44 2.95 -21.12
CA CYS B 123 -9.02 3.46 -22.43
C CYS B 123 -8.08 2.50 -23.14
N GLY B 124 -7.15 1.91 -22.38
CA GLY B 124 -6.22 0.94 -22.93
C GLY B 124 -5.17 0.57 -21.90
N ALA B 125 -4.08 -0.02 -22.39
CA ALA B 125 -2.97 -0.44 -21.53
C ALA B 125 -1.66 -0.22 -22.26
N VAL B 126 -0.58 -0.09 -21.49
CA VAL B 126 0.73 0.24 -22.02
C VAL B 126 1.76 -0.62 -21.28
N VAL B 127 2.71 -1.19 -22.03
CA VAL B 127 3.88 -1.86 -21.44
C VAL B 127 5.11 -1.10 -21.90
N ASN B 128 5.90 -0.61 -20.94
CA ASN B 128 7.17 0.03 -21.22
C ASN B 128 8.26 -0.99 -20.90
N VAL B 129 9.06 -1.36 -21.89
CA VAL B 129 10.23 -2.20 -21.65
C VAL B 129 11.39 -1.24 -21.42
N ARG B 130 11.96 -1.24 -20.21
CA ARG B 130 12.98 -0.29 -19.81
C ARG B 130 14.14 -0.98 -19.10
N ALA B 131 15.36 -0.53 -19.41
CA ALA B 131 16.52 -1.02 -18.70
C ALA B 131 16.38 -0.83 -17.20
N LYS B 132 15.73 0.27 -16.81
CA LYS B 132 15.61 0.64 -15.40
C LYS B 132 14.62 -0.23 -14.65
N GLY B 133 13.73 -0.91 -15.37
CA GLY B 133 12.58 -1.52 -14.76
C GLY B 133 11.40 -1.38 -15.70
N ASP B 134 10.79 -2.50 -16.04
CA ASP B 134 9.61 -2.50 -16.91
C ASP B 134 8.36 -2.01 -16.17
N LYS B 135 7.38 -1.56 -16.96
CA LYS B 135 6.13 -1.04 -16.43
C LYS B 135 4.97 -1.52 -17.29
N ILE B 136 3.90 -1.92 -16.62
CA ILE B 136 2.62 -2.21 -17.25
C ILE B 136 1.58 -1.30 -16.60
N ALA B 137 0.70 -0.69 -17.40
CA ALA B 137 -0.31 0.16 -16.83
C ALA B 137 -1.63 0.02 -17.59
N ILE B 138 -2.75 0.12 -16.88
CA ILE B 138 -4.07 0.28 -17.52
C ILE B 138 -4.48 1.72 -17.34
N TRP B 139 -4.76 2.38 -18.45
CA TRP B 139 -5.20 3.75 -18.48
C TRP B 139 -6.71 3.80 -18.45
N THR B 140 -7.27 4.62 -17.56
CA THR B 140 -8.69 4.88 -17.51
C THR B 140 -8.92 6.38 -17.73
N THR B 141 -10.15 6.74 -18.07
CA THR B 141 -10.43 8.04 -18.69
C THR B 141 -10.61 9.19 -17.69
N GLU B 142 -10.80 8.92 -16.40
CA GLU B 142 -11.26 9.98 -15.48
C GLU B 142 -10.79 9.64 -14.07
N CYS B 143 -9.74 10.33 -13.61
CA CYS B 143 -9.12 10.02 -12.32
C CYS B 143 -9.93 10.49 -11.12
N GLU B 144 -11.00 11.25 -11.33
CA GLU B 144 -11.85 11.66 -10.21
C GLU B 144 -13.03 10.73 -9.99
N ASN B 145 -13.26 9.74 -10.86
CA ASN B 145 -14.29 8.74 -10.60
C ASN B 145 -13.69 7.70 -9.65
N ARG B 146 -13.88 7.94 -8.35
CA ARG B 146 -13.27 7.06 -7.34
C ARG B 146 -13.76 5.62 -7.46
N ASP B 147 -15.08 5.44 -7.63
CA ASP B 147 -15.61 4.08 -7.63
C ASP B 147 -15.15 3.29 -8.84
N ALA B 148 -15.11 3.93 -10.02
CA ALA B 148 -14.64 3.22 -11.21
C ALA B 148 -13.17 2.85 -11.08
N VAL B 149 -12.35 3.81 -10.67
CA VAL B 149 -10.90 3.62 -10.56
C VAL B 149 -10.56 2.57 -9.53
N THR B 150 -11.20 2.62 -8.36
CA THR B 150 -10.95 1.62 -7.33
C THR B 150 -11.41 0.23 -7.77
N HIS B 151 -12.59 0.11 -8.37
CA HIS B 151 -13.03 -1.21 -8.82
C HIS B 151 -12.04 -1.79 -9.82
N ILE B 152 -11.62 -1.00 -10.79
CA ILE B 152 -10.68 -1.50 -11.79
C ILE B 152 -9.39 -1.95 -11.11
N GLY B 153 -8.87 -1.14 -10.19
CA GLY B 153 -7.64 -1.51 -9.50
C GLY B 153 -7.79 -2.80 -8.72
N ARG B 154 -8.87 -2.91 -7.95
CA ARG B 154 -9.07 -4.12 -7.16
C ARG B 154 -9.13 -5.35 -8.05
N VAL B 155 -9.91 -5.29 -9.14
CA VAL B 155 -10.05 -6.44 -10.03
C VAL B 155 -8.72 -6.76 -10.72
N TYR B 156 -8.06 -5.73 -11.26
CA TYR B 156 -6.78 -5.93 -11.95
C TYR B 156 -5.73 -6.54 -11.03
N LYS B 157 -5.66 -6.06 -9.78
CA LYS B 157 -4.66 -6.60 -8.87
C LYS B 157 -4.85 -8.10 -8.66
N GLU B 158 -6.11 -8.52 -8.49
CA GLU B 158 -6.38 -9.93 -8.29
C GLU B 158 -6.25 -10.74 -9.56
N ARG B 159 -6.60 -10.17 -10.72
CA ARG B 159 -6.42 -10.91 -11.98
C ARG B 159 -4.93 -11.15 -12.26
N LEU B 160 -4.08 -10.16 -11.91
CA LEU B 160 -2.62 -10.37 -11.99
C LEU B 160 -2.13 -11.41 -10.99
N GLY B 161 -2.88 -11.66 -9.93
CA GLY B 161 -2.42 -12.59 -8.91
C GLY B 161 -1.42 -11.99 -7.95
N LEU B 162 -1.45 -10.66 -7.75
CA LEU B 162 -0.48 -10.04 -6.86
C LEU B 162 -0.90 -10.27 -5.41
N PRO B 163 0.06 -10.41 -4.51
CA PRO B 163 -0.27 -10.76 -3.14
C PRO B 163 -0.73 -9.53 -2.37
N PRO B 164 -1.56 -9.72 -1.34
CA PRO B 164 -1.97 -8.59 -0.50
C PRO B 164 -0.81 -7.94 0.23
N LYS B 165 0.38 -8.54 0.22
CA LYS B 165 1.56 -7.93 0.83
C LYS B 165 1.90 -6.58 0.22
N ILE B 166 1.52 -6.34 -1.03
CA ILE B 166 1.93 -5.14 -1.74
C ILE B 166 0.70 -4.38 -2.22
N VAL B 167 0.86 -3.07 -2.39
CA VAL B 167 -0.15 -2.23 -3.03
C VAL B 167 0.34 -1.88 -4.41
N ILE B 168 -0.61 -1.54 -5.28
CA ILE B 168 -0.32 -0.85 -6.53
C ILE B 168 -0.98 0.51 -6.44
N GLY B 169 -0.45 1.48 -7.18
CA GLY B 169 -0.89 2.85 -7.10
C GLY B 169 -1.47 3.33 -8.41
N TYR B 170 -2.39 4.29 -8.31
CA TYR B 170 -2.99 4.96 -9.47
C TYR B 170 -2.49 6.40 -9.52
N GLN B 171 -1.96 6.81 -10.65
CA GLN B 171 -1.49 8.17 -10.85
C GLN B 171 -2.31 8.86 -11.94
N SER B 172 -2.55 10.16 -11.76
CA SER B 172 -3.22 10.94 -12.79
C SER B 172 -2.23 11.39 -13.87
N HIS B 173 -2.66 11.33 -15.12
CA HIS B 173 -1.81 11.76 -16.22
C HIS B 173 -1.39 13.23 -16.08
N ALA B 174 -2.26 14.07 -15.51
CA ALA B 174 -1.90 15.46 -15.35
C ALA B 174 -0.69 15.60 -14.43
N ASP B 175 -0.62 14.76 -13.40
CA ASP B 175 0.56 14.74 -12.54
C ASP B 175 1.79 14.24 -13.29
N THR B 176 1.65 13.15 -14.03
CA THR B 176 2.80 12.52 -14.67
C THR B 176 3.48 13.49 -15.64
N ALA B 177 2.68 14.23 -16.39
CA ALA B 177 3.18 15.11 -17.45
C ALA B 177 4.00 16.27 -16.90
N THR B 178 4.12 16.40 -15.58
CA THR B 178 4.69 17.59 -15.00
C THR B 178 5.75 17.27 -13.94
N LYS B 185 3.33 10.62 -6.71
CA LYS B 185 2.05 10.78 -6.04
C LYS B 185 0.97 9.82 -6.56
N ASN B 186 0.41 9.01 -5.67
CA ASN B 186 -0.71 8.13 -5.99
C ASN B 186 -2.01 8.80 -5.60
N ARG B 187 -3.00 8.73 -6.50
CA ARG B 187 -4.35 9.13 -6.14
C ARG B 187 -5.04 8.03 -5.35
N PHE B 188 -4.83 6.78 -5.75
CA PHE B 188 -5.40 5.63 -5.06
C PHE B 188 -4.32 4.55 -4.95
N VAL B 189 -4.50 3.68 -3.97
CA VAL B 189 -3.69 2.47 -3.87
C VAL B 189 -4.63 1.33 -3.50
N VAL B 190 -4.35 0.15 -4.03
CA VAL B 190 -5.10 -1.04 -3.67
C VAL B 190 -4.10 -2.15 -3.53
N PRO C 4 -2.16 4.28 40.32
CA PRO C 4 -2.86 5.45 39.80
C PRO C 4 -1.94 6.63 39.48
N GLU C 5 -0.66 6.51 39.83
CA GLU C 5 0.25 7.64 39.66
C GLU C 5 0.36 8.06 38.21
N HIS C 6 0.56 7.10 37.31
CA HIS C 6 1.06 7.39 35.97
C HIS C 6 -0.02 7.46 34.90
N TYR C 7 -1.30 7.57 35.27
CA TYR C 7 -2.30 7.72 34.22
C TYR C 7 -3.53 8.53 34.62
N ILE C 8 -3.65 8.93 35.89
CA ILE C 8 -4.72 9.84 36.32
C ILE C 8 -4.22 11.28 36.21
N LYS C 9 -5.03 12.16 35.62
CA LYS C 9 -4.75 13.59 35.69
C LYS C 9 -4.97 14.07 37.11
N HIS C 10 -4.14 15.00 37.56
CA HIS C 10 -4.22 15.43 38.95
C HIS C 10 -5.41 16.37 39.13
N PRO C 11 -6.43 15.97 39.89
CA PRO C 11 -7.64 16.78 39.97
C PRO C 11 -7.39 18.08 40.72
N LEU C 12 -8.06 19.14 40.28
CA LEU C 12 -8.10 20.39 41.01
C LEU C 12 -9.35 20.42 41.91
N GLN C 13 -9.27 21.25 42.94
N GLN C 13 -9.27 21.23 42.95
CA GLN C 13 -10.39 21.37 43.88
CA GLN C 13 -10.40 21.36 43.88
C GLN C 13 -11.63 21.92 43.19
C GLN C 13 -11.64 21.89 43.15
N ASN C 14 -11.46 22.88 42.29
CA ASN C 14 -12.54 23.51 41.56
C ASN C 14 -12.33 23.38 40.06
N ARG C 15 -13.42 23.44 39.31
CA ARG C 15 -13.32 23.62 37.87
C ARG C 15 -13.33 25.12 37.57
N TRP C 16 -12.53 25.52 36.58
CA TRP C 16 -12.33 26.93 36.28
C TRP C 16 -12.58 27.22 34.80
N ALA C 17 -12.92 28.48 34.52
CA ALA C 17 -13.24 28.89 33.16
C ALA C 17 -12.41 30.12 32.82
N LEU C 18 -11.74 30.08 31.68
CA LEU C 18 -10.96 31.21 31.20
C LEU C 18 -11.82 32.04 30.28
N TRP C 19 -11.80 33.35 30.48
CA TRP C 19 -12.57 34.31 29.72
C TRP C 19 -11.62 35.27 29.04
N PHE C 20 -11.99 35.71 27.84
CA PHE C 20 -11.25 36.73 27.12
C PHE C 20 -12.18 37.86 26.76
N PHE C 21 -11.61 39.06 26.67
CA PHE C 21 -12.36 40.25 26.26
C PHE C 21 -11.60 40.92 25.14
N LYS C 22 -12.31 41.28 24.08
CA LYS C 22 -11.77 42.10 23.01
C LYS C 22 -12.53 43.42 22.98
N ASN C 23 -11.80 44.54 23.03
CA ASN C 23 -12.44 45.84 22.97
C ASN C 23 -13.10 46.05 21.63
N ASP C 24 -14.38 46.44 21.64
CA ASP C 24 -15.13 46.68 20.41
C ASP C 24 -16.37 47.50 20.79
N LYS C 25 -16.24 48.83 20.65
CA LYS C 25 -17.34 49.72 21.04
C LYS C 25 -18.57 49.47 20.19
N SER C 26 -18.40 48.98 18.96
CA SER C 26 -19.55 48.62 18.12
C SER C 26 -20.46 47.63 18.79
N LYS C 27 -19.94 46.83 19.72
CA LYS C 27 -20.75 45.98 20.59
C LYS C 27 -20.70 46.55 22.00
N THR C 28 -21.71 46.19 22.80
CA THR C 28 -21.71 46.57 24.20
C THR C 28 -20.75 45.68 24.97
N TRP C 29 -20.44 46.09 26.21
CA TRP C 29 -19.40 45.43 26.98
C TRP C 29 -19.66 43.93 27.12
N GLN C 30 -20.88 43.56 27.54
CA GLN C 30 -21.22 42.15 27.73
C GLN C 30 -21.04 41.35 26.44
N ALA C 31 -21.29 41.99 25.29
CA ALA C 31 -21.22 41.30 24.01
C ALA C 31 -19.80 41.07 23.56
N ASN C 32 -18.83 41.79 24.12
CA ASN C 32 -17.42 41.58 23.81
C ASN C 32 -16.78 40.51 24.67
N LEU C 33 -17.49 40.03 25.69
CA LEU C 33 -16.93 39.04 26.60
C LEU C 33 -17.28 37.64 26.11
N ARG C 34 -16.28 36.76 26.15
CA ARG C 34 -16.36 35.47 25.47
C ARG C 34 -15.70 34.39 26.31
N LEU C 35 -16.36 33.24 26.39
CA LEU C 35 -15.78 32.10 27.08
C LEU C 35 -14.79 31.37 26.18
N ILE C 36 -13.62 31.05 26.72
CA ILE C 36 -12.62 30.28 26.01
C ILE C 36 -12.86 28.79 26.24
N SER C 37 -12.69 28.33 27.48
CA SER C 37 -12.78 26.91 27.80
C SER C 37 -12.71 26.73 29.32
N LYS C 38 -13.04 25.51 29.75
CA LYS C 38 -13.07 25.13 31.16
C LYS C 38 -12.03 24.04 31.39
N PHE C 39 -11.57 23.93 32.63
CA PHE C 39 -10.64 22.87 32.99
C PHE C 39 -10.80 22.56 34.47
N ASP C 40 -10.33 21.37 34.88
CA ASP C 40 -10.34 21.04 36.29
C ASP C 40 -9.30 19.99 36.66
N THR C 41 -8.20 19.93 35.89
CA THR C 41 -7.02 19.15 36.22
C THR C 41 -5.79 20.02 35.98
N VAL C 42 -4.70 19.68 36.66
CA VAL C 42 -3.42 20.36 36.48
C VAL C 42 -2.99 20.31 35.02
N GLU C 43 -3.04 19.11 34.44
CA GLU C 43 -2.62 18.93 33.06
C GLU C 43 -3.43 19.79 32.08
N ASP C 44 -4.74 19.89 32.31
CA ASP C 44 -5.56 20.67 31.39
C ASP C 44 -5.32 22.15 31.57
N PHE C 45 -5.03 22.60 32.80
CA PHE C 45 -4.59 23.99 32.98
C PHE C 45 -3.41 24.29 32.08
N TRP C 46 -2.31 23.55 32.24
CA TRP C 46 -1.12 23.79 31.44
C TRP C 46 -1.42 23.66 29.96
N ALA C 47 -2.26 22.69 29.56
CA ALA C 47 -2.63 22.56 28.16
C ALA C 47 -3.24 23.86 27.64
N LEU C 48 -4.07 24.52 28.46
CA LEU C 48 -4.66 25.78 28.05
C LEU C 48 -3.66 26.91 28.11
N TYR C 49 -2.98 27.05 29.25
CA TYR C 49 -2.03 28.15 29.41
C TYR C 49 -0.99 28.13 28.31
N ASN C 50 -0.50 26.94 27.95
CA ASN C 50 0.64 26.88 27.02
C ASN C 50 0.27 27.23 25.59
N HIS C 51 -0.99 27.17 25.18
CA HIS C 51 -1.31 27.45 23.78
C HIS C 51 -1.90 28.83 23.54
N ILE C 52 -2.15 29.63 24.58
CA ILE C 52 -2.73 30.94 24.41
C ILE C 52 -1.65 31.99 24.60
N GLN C 53 -1.99 33.24 24.29
CA GLN C 53 -1.04 34.34 24.31
C GLN C 53 -0.71 34.79 25.73
N LEU C 54 0.57 35.13 25.94
CA LEU C 54 0.95 35.87 27.14
C LEU C 54 0.17 37.17 27.22
N SER C 55 -0.15 37.57 28.46
CA SER C 55 -0.88 38.82 28.68
C SER C 55 -0.14 40.01 28.08
N SER C 56 1.20 40.00 28.17
CA SER C 56 2.01 41.10 27.68
CA SER C 56 1.98 41.12 27.67
C SER C 56 1.95 41.25 26.16
N ASN C 57 1.43 40.25 25.44
N ASN C 57 1.45 40.24 25.44
CA ASN C 57 1.41 40.25 23.98
CA ASN C 57 1.40 40.23 23.98
C ASN C 57 0.00 40.42 23.42
C ASN C 57 0.02 40.53 23.40
N LEU C 58 -0.98 40.71 24.25
CA LEU C 58 -2.35 40.94 23.78
C LEU C 58 -2.55 42.40 23.40
N MET C 59 -3.46 42.62 22.46
CA MET C 59 -3.75 43.98 22.00
C MET C 59 -4.23 44.81 23.19
N PRO C 60 -3.75 46.05 23.35
CA PRO C 60 -4.29 46.89 24.42
C PRO C 60 -5.81 47.01 24.26
N GLY C 61 -6.49 47.05 25.39
CA GLY C 61 -7.94 46.99 25.38
C GLY C 61 -8.53 45.62 25.65
N CYS C 62 -7.71 44.63 25.96
CA CYS C 62 -8.17 43.26 26.18
C CYS C 62 -7.87 42.79 27.60
N ASP C 63 -8.55 41.72 28.00
CA ASP C 63 -8.32 41.14 29.32
C ASP C 63 -8.51 39.63 29.25
N TYR C 64 -7.92 38.96 30.24
CA TYR C 64 -8.16 37.56 30.55
C TYR C 64 -8.87 37.50 31.90
N SER C 65 -9.80 36.56 32.06
CA SER C 65 -10.38 36.36 33.38
C SER C 65 -10.46 34.86 33.67
N LEU C 66 -9.99 34.45 34.84
CA LEU C 66 -10.14 33.07 35.30
C LEU C 66 -11.11 33.09 36.49
N PHE C 67 -12.30 32.57 36.29
CA PHE C 67 -13.32 32.51 37.31
C PHE C 67 -13.80 31.07 37.47
N LYS C 68 -14.11 30.68 38.72
CA LYS C 68 -14.66 29.36 38.97
C LYS C 68 -15.87 29.10 38.09
N ASP C 69 -16.06 27.83 37.74
CA ASP C 69 -17.22 27.44 36.95
C ASP C 69 -18.49 27.96 37.59
N GLY C 70 -19.27 28.72 36.81
CA GLY C 70 -20.54 29.24 37.26
C GLY C 70 -20.53 30.70 37.65
N ILE C 71 -19.36 31.26 37.92
CA ILE C 71 -19.22 32.66 38.30
C ILE C 71 -18.75 33.39 37.06
N GLU C 72 -19.63 34.19 36.47
CA GLU C 72 -19.24 34.98 35.32
C GLU C 72 -18.33 36.10 35.79
N PRO C 73 -17.41 36.54 34.95
CA PRO C 73 -16.49 37.63 35.33
C PRO C 73 -17.12 39.01 35.15
N MET C 74 -18.19 39.29 35.90
CA MET C 74 -18.82 40.61 35.89
C MET C 74 -19.51 40.84 37.24
N TRP C 75 -19.49 42.11 37.69
CA TRP C 75 -20.02 42.40 39.03
C TRP C 75 -21.48 41.98 39.18
N GLU C 76 -22.25 42.03 38.09
CA GLU C 76 -23.66 41.66 38.20
C GLU C 76 -23.86 40.22 38.62
N ASP C 77 -22.83 39.39 38.52
CA ASP C 77 -22.94 38.00 38.93
C ASP C 77 -23.34 37.90 40.40
N GLU C 78 -24.13 36.87 40.71
CA GLU C 78 -24.63 36.67 42.07
C GLU C 78 -23.51 36.74 43.11
N LYS C 79 -22.33 36.19 42.79
CA LYS C 79 -21.23 36.07 43.72
C LYS C 79 -20.22 37.21 43.63
N ASN C 80 -20.37 38.10 42.65
CA ASN C 80 -19.56 39.30 42.58
C ASN C 80 -20.35 40.55 42.97
N LYS C 81 -21.66 40.41 43.17
CA LYS C 81 -22.52 41.53 43.51
C LYS C 81 -22.02 42.24 44.77
N ARG C 82 -21.75 41.48 45.83
CA ARG C 82 -21.38 42.04 47.13
C ARG C 82 -19.89 41.89 47.43
N GLY C 83 -19.08 41.59 46.43
CA GLY C 83 -17.67 41.37 46.62
C GLY C 83 -16.83 42.60 46.29
N GLY C 84 -15.58 42.35 45.96
CA GLY C 84 -14.67 43.42 45.57
C GLY C 84 -13.51 42.79 44.86
N ARG C 85 -12.32 43.37 45.03
CA ARG C 85 -11.13 42.86 44.36
C ARG C 85 -9.88 43.42 45.05
N TRP C 86 -8.84 42.59 45.14
CA TRP C 86 -7.49 43.07 45.46
C TRP C 86 -6.84 43.51 44.15
N LEU C 87 -6.40 44.76 44.09
CA LEU C 87 -5.91 45.35 42.84
C LEU C 87 -4.40 45.46 42.86
N ILE C 88 -3.75 44.84 41.86
CA ILE C 88 -2.34 45.04 41.59
C ILE C 88 -2.23 46.07 40.48
N THR C 89 -1.43 47.10 40.71
CA THR C 89 -1.30 48.20 39.76
C THR C 89 0.13 48.23 39.22
N LEU C 90 0.25 48.22 37.88
CA LEU C 90 1.52 48.11 37.17
C LEU C 90 1.75 49.37 36.36
N ASN C 91 2.94 49.95 36.45
CA ASN C 91 3.27 50.98 35.49
C ASN C 91 3.59 50.34 34.14
N LYS C 92 3.83 51.20 33.14
CA LYS C 92 3.98 50.74 31.77
C LYS C 92 5.21 49.86 31.59
N GLN C 93 6.30 50.17 32.29
CA GLN C 93 7.48 49.33 32.18
C GLN C 93 7.26 47.95 32.79
N GLN C 94 6.35 47.84 33.76
CA GLN C 94 6.16 46.56 34.44
C GLN C 94 5.46 45.53 33.57
N ARG C 95 4.94 45.91 32.40
CA ARG C 95 4.41 44.90 31.49
C ARG C 95 5.51 43.94 31.04
N ARG C 96 6.66 44.48 30.65
CA ARG C 96 7.80 43.64 30.29
C ARG C 96 8.30 42.84 31.49
N SER C 97 8.35 43.48 32.66
CA SER C 97 9.06 42.91 33.80
C SER C 97 8.23 41.87 34.54
N ASP C 98 7.00 42.23 34.94
CA ASP C 98 6.25 41.47 35.94
C ASP C 98 4.84 41.05 35.52
N LEU C 99 4.27 41.62 34.46
CA LEU C 99 2.89 41.30 34.10
C LEU C 99 2.67 39.80 33.95
N ASP C 100 3.60 39.10 33.28
CA ASP C 100 3.39 37.68 33.01
C ASP C 100 3.71 36.82 34.22
N ARG C 101 4.76 37.14 34.96
CA ARG C 101 5.07 36.33 36.15
C ARG C 101 4.04 36.53 37.26
N PHE C 102 3.52 37.75 37.42
CA PHE C 102 2.48 37.97 38.43
C PHE C 102 1.20 37.23 38.06
N TRP C 103 0.80 37.31 36.78
CA TRP C 103 -0.43 36.69 36.33
C TRP C 103 -0.37 35.18 36.46
N LEU C 104 0.76 34.58 36.05
CA LEU C 104 0.86 33.13 36.19
C LEU C 104 0.84 32.73 37.66
N GLU C 105 1.45 33.54 38.53
CA GLU C 105 1.41 33.21 39.95
C GLU C 105 0.01 33.41 40.52
N THR C 106 -0.77 34.31 39.91
CA THR C 106 -2.17 34.50 40.34
C THR C 106 -3.01 33.30 39.94
N LEU C 107 -2.87 32.84 38.68
CA LEU C 107 -3.62 31.66 38.24
C LEU C 107 -3.28 30.44 39.07
N LEU C 108 -2.01 30.31 39.49
CA LEU C 108 -1.63 29.15 40.31
C LEU C 108 -2.04 29.32 41.76
N CYS C 109 -2.12 30.57 42.23
CA CYS C 109 -2.81 30.85 43.50
C CYS C 109 -4.27 30.42 43.43
N LEU C 110 -4.94 30.74 42.32
CA LEU C 110 -6.35 30.40 42.18
C LEU C 110 -6.57 28.90 42.20
N ILE C 111 -6.00 28.20 41.20
CA ILE C 111 -6.27 26.78 41.03
C ILE C 111 -5.62 25.94 42.11
N GLY C 112 -4.61 26.47 42.80
CA GLY C 112 -3.99 25.75 43.88
C GLY C 112 -4.64 25.97 45.23
N GLU C 113 -5.77 26.70 45.27
CA GLU C 113 -6.50 27.04 46.50
C GLU C 113 -5.52 27.41 47.61
N SER C 114 -4.78 28.50 47.37
CA SER C 114 -3.61 28.86 48.16
C SER C 114 -3.94 29.63 49.42
N PHE C 115 -5.19 30.07 49.59
CA PHE C 115 -5.59 30.88 50.73
C PHE C 115 -6.28 30.07 51.82
N ASP C 116 -5.91 28.80 51.95
CA ASP C 116 -6.26 27.93 53.08
C ASP C 116 -7.79 27.81 53.18
N ASP C 117 -8.37 28.01 54.37
CA ASP C 117 -9.80 27.87 54.58
C ASP C 117 -10.61 28.96 53.88
N TYR C 118 -9.99 30.10 53.60
CA TYR C 118 -10.68 31.18 52.92
C TYR C 118 -10.59 31.04 51.41
N SER C 119 -10.14 29.89 50.92
CA SER C 119 -10.13 29.65 49.48
C SER C 119 -11.52 29.75 48.89
N ASP C 120 -12.56 29.54 49.69
CA ASP C 120 -13.92 29.53 49.16
C ASP C 120 -14.45 30.93 48.83
N ASP C 121 -13.85 31.98 49.38
CA ASP C 121 -14.29 33.34 49.06
C ASP C 121 -13.74 33.87 47.74
N VAL C 122 -12.82 33.15 47.08
CA VAL C 122 -12.32 33.61 45.80
C VAL C 122 -13.36 33.32 44.72
N CYS C 123 -13.62 34.30 43.88
CA CYS C 123 -14.44 34.07 42.71
C CYS C 123 -13.61 33.97 41.44
N GLY C 124 -12.66 34.88 41.22
CA GLY C 124 -11.90 34.82 40.00
C GLY C 124 -10.74 35.78 40.06
N ALA C 125 -10.03 35.88 38.93
CA ALA C 125 -9.00 36.89 38.73
C ALA C 125 -9.12 37.46 37.33
N VAL C 126 -8.67 38.71 37.20
CA VAL C 126 -8.71 39.45 35.95
C VAL C 126 -7.36 40.13 35.76
N VAL C 127 -6.79 39.99 34.57
CA VAL C 127 -5.67 40.82 34.18
C VAL C 127 -6.19 41.86 33.19
N ASN C 128 -5.92 43.13 33.47
CA ASN C 128 -6.29 44.24 32.62
C ASN C 128 -5.02 44.72 31.91
N VAL C 129 -5.01 44.63 30.58
CA VAL C 129 -3.89 45.09 29.75
C VAL C 129 -4.37 46.33 29.00
N ARG C 130 -3.80 47.49 29.33
CA ARG C 130 -4.00 48.69 28.53
C ARG C 130 -2.82 49.63 28.72
N ALA C 131 -2.90 50.74 27.97
CA ALA C 131 -1.74 51.60 27.79
C ALA C 131 -1.42 52.36 29.06
N LYS C 132 -2.41 53.00 29.68
CA LYS C 132 -2.14 53.81 30.86
C LYS C 132 -1.53 53.01 32.00
N GLY C 133 -1.62 51.68 31.92
CA GLY C 133 -1.12 50.81 32.96
C GLY C 133 -1.91 49.53 33.02
N ASP C 134 -1.20 48.41 33.14
CA ASP C 134 -1.83 47.11 33.25
C ASP C 134 -2.19 46.81 34.70
N LYS C 135 -3.24 46.02 34.89
CA LYS C 135 -3.70 45.70 36.24
C LYS C 135 -4.05 44.22 36.35
N ILE C 136 -3.74 43.64 37.52
CA ILE C 136 -4.13 42.29 37.87
C ILE C 136 -4.89 42.35 39.19
N ALA C 137 -5.99 41.61 39.27
CA ALA C 137 -6.86 41.69 40.43
C ALA C 137 -7.46 40.34 40.71
N ILE C 138 -7.55 39.98 41.99
CA ILE C 138 -8.30 38.82 42.47
C ILE C 138 -9.63 39.31 43.02
N TRP C 139 -10.72 38.74 42.51
CA TRP C 139 -12.06 39.08 42.96
C TRP C 139 -12.54 38.09 44.02
N THR C 140 -13.14 38.62 45.08
CA THR C 140 -13.73 37.82 46.15
C THR C 140 -15.22 38.11 46.26
N THR C 141 -15.88 37.27 47.05
CA THR C 141 -17.33 37.15 46.98
C THR C 141 -18.04 38.20 47.84
N GLU C 142 -17.45 38.62 48.95
CA GLU C 142 -18.11 39.47 49.93
C GLU C 142 -17.14 40.53 50.39
N CYS C 143 -17.39 41.79 50.01
CA CYS C 143 -16.51 42.88 50.40
C CYS C 143 -16.53 43.16 51.90
N GLU C 144 -17.41 42.50 52.66
CA GLU C 144 -17.53 42.76 54.09
C GLU C 144 -16.78 41.77 54.98
N ASN C 145 -16.58 40.52 54.54
CA ASN C 145 -15.92 39.56 55.42
C ASN C 145 -14.45 39.91 55.54
N ARG C 146 -14.11 40.74 56.54
CA ARG C 146 -12.74 41.21 56.71
C ARG C 146 -11.76 40.05 56.84
N ASP C 147 -12.15 38.99 57.54
CA ASP C 147 -11.19 37.95 57.88
C ASP C 147 -10.73 37.19 56.64
N ALA C 148 -11.66 36.86 55.74
CA ALA C 148 -11.31 36.17 54.51
C ALA C 148 -10.61 37.09 53.52
N VAL C 149 -11.01 38.37 53.46
CA VAL C 149 -10.41 39.27 52.49
C VAL C 149 -8.97 39.60 52.88
N THR C 150 -8.75 39.92 54.16
CA THR C 150 -7.42 40.32 54.62
C THR C 150 -6.43 39.17 54.46
N HIS C 151 -6.85 37.94 54.76
CA HIS C 151 -5.93 36.81 54.61
C HIS C 151 -5.62 36.56 53.14
N ILE C 152 -6.62 36.68 52.27
CA ILE C 152 -6.40 36.51 50.83
C ILE C 152 -5.34 37.49 50.33
N GLY C 153 -5.34 38.71 50.87
CA GLY C 153 -4.39 39.71 50.41
C GLY C 153 -2.99 39.51 50.97
N ARG C 154 -2.90 39.07 52.23
CA ARG C 154 -1.59 38.91 52.86
C ARG C 154 -0.79 37.79 52.20
N VAL C 155 -1.46 36.67 51.86
CA VAL C 155 -0.75 35.60 51.17
C VAL C 155 -0.54 35.97 49.70
N TYR C 156 -1.46 36.75 49.12
CA TYR C 156 -1.28 37.22 47.75
C TYR C 156 0.01 38.02 47.61
N LYS C 157 0.25 38.92 48.57
CA LYS C 157 1.53 39.64 48.60
C LYS C 157 2.68 38.65 48.80
N GLU C 158 2.51 37.71 49.73
CA GLU C 158 3.52 36.68 49.95
CA GLU C 158 3.52 36.67 49.95
C GLU C 158 3.83 35.94 48.65
N ARG C 159 2.79 35.47 47.97
CA ARG C 159 2.95 34.65 46.79
C ARG C 159 3.51 35.45 45.62
N LEU C 160 3.09 36.70 45.48
CA LEU C 160 3.60 37.54 44.41
C LEU C 160 5.03 37.99 44.69
N GLY C 161 5.50 37.87 45.93
CA GLY C 161 6.82 38.29 46.28
C GLY C 161 6.99 39.78 46.45
N LEU C 162 5.88 40.52 46.53
CA LEU C 162 5.94 41.96 46.70
C LEU C 162 6.67 42.32 47.99
N PRO C 163 7.33 43.48 48.03
CA PRO C 163 7.97 43.92 49.28
C PRO C 163 6.96 44.55 50.22
N PRO C 164 7.24 44.56 51.53
CA PRO C 164 6.41 45.34 52.46
C PRO C 164 6.61 46.85 52.35
N LYS C 165 7.65 47.31 51.65
CA LYS C 165 7.77 48.73 51.35
C LYS C 165 6.63 49.25 50.46
N ILE C 166 5.71 48.37 50.05
CA ILE C 166 4.64 48.65 49.11
C ILE C 166 3.33 48.20 49.73
N VAL C 167 2.24 48.89 49.38
CA VAL C 167 0.90 48.52 49.84
C VAL C 167 0.03 48.18 48.63
N ILE C 168 -1.03 47.42 48.89
CA ILE C 168 -1.96 46.96 47.87
C ILE C 168 -3.37 47.25 48.38
N GLY C 169 -4.28 47.59 47.45
CA GLY C 169 -5.61 48.08 47.80
C GLY C 169 -6.72 47.11 47.42
N TYR C 170 -7.73 47.02 48.28
CA TYR C 170 -8.96 46.29 48.02
C TYR C 170 -10.12 47.28 47.98
N GLN C 171 -10.98 47.14 46.98
CA GLN C 171 -12.19 47.95 46.91
C GLN C 171 -13.38 47.07 46.56
N SER C 172 -14.56 47.58 46.88
CA SER C 172 -15.81 46.90 46.53
C SER C 172 -16.22 47.26 45.11
N HIS C 173 -16.84 46.29 44.44
CA HIS C 173 -17.26 46.49 43.05
C HIS C 173 -18.25 47.64 42.92
N ALA C 174 -19.23 47.72 43.81
CA ALA C 174 -20.25 48.76 43.72
C ALA C 174 -19.62 50.16 43.69
N ASP C 175 -18.45 50.32 44.31
CA ASP C 175 -17.75 51.60 44.20
C ASP C 175 -17.20 51.82 42.79
N THR C 176 -16.67 50.78 42.16
CA THR C 176 -16.21 50.89 40.78
C THR C 176 -17.42 50.90 39.85
N LYS C 185 -11.51 54.05 45.46
CA LYS C 185 -11.50 54.13 46.92
C LYS C 185 -11.35 52.74 47.56
N ASN C 186 -10.27 52.57 48.31
CA ASN C 186 -9.96 51.29 48.93
C ASN C 186 -10.73 51.10 50.22
N ARG C 187 -10.94 49.83 50.58
CA ARG C 187 -11.49 49.47 51.88
C ARG C 187 -10.58 48.51 52.64
N PHE C 188 -9.50 48.04 52.03
CA PHE C 188 -8.55 47.16 52.71
C PHE C 188 -7.18 47.29 52.07
N VAL C 189 -6.14 47.30 52.91
CA VAL C 189 -4.77 47.50 52.49
C VAL C 189 -3.87 46.52 53.23
N VAL C 190 -3.01 45.82 52.49
CA VAL C 190 -2.05 44.91 53.08
C VAL C 190 -0.65 45.33 52.64
N PRO D 4 7.98 -3.04 -39.26
CA PRO D 4 7.69 -4.46 -39.07
C PRO D 4 8.78 -5.24 -38.31
N GLU D 5 9.99 -5.34 -38.86
CA GLU D 5 10.98 -6.24 -38.31
C GLU D 5 11.43 -5.87 -36.89
N HIS D 6 10.93 -4.76 -36.36
CA HIS D 6 11.28 -4.32 -35.01
C HIS D 6 10.34 -4.87 -33.94
N TYR D 7 9.31 -5.59 -34.34
CA TYR D 7 8.36 -6.18 -33.39
C TYR D 7 7.66 -7.42 -33.93
N ILE D 8 7.88 -7.82 -35.18
CA ILE D 8 7.32 -9.06 -35.69
C ILE D 8 8.37 -10.15 -35.59
N LYS D 9 7.94 -11.32 -35.14
CA LYS D 9 8.83 -12.47 -35.10
C LYS D 9 9.20 -12.88 -36.52
N HIS D 10 10.37 -13.43 -36.67
CA HIS D 10 10.83 -13.82 -37.99
CA HIS D 10 10.83 -13.82 -38.00
C HIS D 10 10.19 -15.16 -38.36
N PRO D 11 9.38 -15.22 -39.41
CA PRO D 11 8.67 -16.46 -39.72
C PRO D 11 9.61 -17.49 -40.31
N LEU D 12 9.30 -18.76 -40.06
CA LEU D 12 9.97 -19.86 -40.71
C LEU D 12 9.10 -20.38 -41.84
N GLN D 13 9.75 -20.98 -42.84
CA GLN D 13 9.04 -21.53 -44.00
C GLN D 13 8.00 -22.56 -43.56
N ASN D 14 8.35 -23.38 -42.57
CA ASN D 14 7.48 -24.42 -42.09
C ASN D 14 7.24 -24.23 -40.61
N ARG D 15 6.14 -24.77 -40.15
CA ARG D 15 5.92 -24.97 -38.73
C ARG D 15 6.42 -26.35 -38.39
N TRP D 16 7.05 -26.47 -37.22
CA TRP D 16 7.66 -27.72 -36.84
C TRP D 16 7.08 -28.21 -35.51
N ALA D 17 7.10 -29.52 -35.32
CA ALA D 17 6.69 -30.13 -34.06
C ALA D 17 7.90 -30.82 -33.44
N LEU D 18 8.15 -30.53 -32.17
CA LEU D 18 9.13 -31.27 -31.41
C LEU D 18 8.41 -32.40 -30.68
N TRP D 19 8.88 -33.61 -30.89
CA TRP D 19 8.35 -34.80 -30.24
C TRP D 19 9.36 -35.36 -29.25
N PHE D 20 8.84 -36.04 -28.25
CA PHE D 20 9.68 -36.65 -27.23
C PHE D 20 9.28 -38.10 -27.06
N PHE D 21 10.27 -38.95 -26.80
CA PHE D 21 10.04 -40.38 -26.64
C PHE D 21 10.63 -40.81 -25.32
N LYS D 22 9.76 -41.21 -24.39
CA LYS D 22 10.19 -41.72 -23.09
C LYS D 22 10.14 -43.25 -23.12
N ASN D 23 11.30 -43.88 -23.05
CA ASN D 23 11.35 -45.33 -23.00
C ASN D 23 10.73 -45.82 -21.70
N ASP D 24 9.66 -46.60 -21.83
CA ASP D 24 9.14 -47.36 -20.68
C ASP D 24 8.32 -48.53 -21.21
N LYS D 25 8.79 -49.73 -20.94
CA LYS D 25 8.19 -50.96 -21.47
C LYS D 25 6.79 -51.19 -20.93
N SER D 26 6.37 -50.47 -19.89
CA SER D 26 5.01 -50.58 -19.39
C SER D 26 3.99 -50.27 -20.48
N LYS D 27 4.37 -49.49 -21.47
CA LYS D 27 3.50 -49.20 -22.60
C LYS D 27 4.14 -49.68 -23.88
N THR D 28 3.32 -49.83 -24.92
CA THR D 28 3.81 -50.13 -26.25
C THR D 28 4.56 -48.92 -26.81
N TRP D 29 5.14 -49.09 -28.01
CA TRP D 29 6.05 -48.07 -28.53
C TRP D 29 5.32 -46.77 -28.87
N GLN D 30 4.17 -46.88 -29.57
CA GLN D 30 3.47 -45.68 -30.00
C GLN D 30 2.96 -44.87 -28.82
N ALA D 31 2.62 -45.53 -27.72
CA ALA D 31 2.13 -44.86 -26.53
C ALA D 31 3.23 -44.19 -25.72
N ASN D 32 4.50 -44.42 -26.08
CA ASN D 32 5.63 -43.75 -25.45
C ASN D 32 6.10 -42.54 -26.25
N LEU D 33 5.38 -42.17 -27.31
CA LEU D 33 5.64 -40.94 -28.03
C LEU D 33 4.63 -39.86 -27.61
N ARG D 34 5.12 -38.67 -27.37
CA ARG D 34 4.29 -37.53 -27.01
C ARG D 34 4.67 -36.33 -27.84
N LEU D 35 3.65 -35.54 -28.19
CA LEU D 35 3.87 -34.21 -28.76
C LEU D 35 4.28 -33.24 -27.67
N ILE D 36 5.36 -32.50 -27.89
CA ILE D 36 5.77 -31.50 -26.93
C ILE D 36 5.10 -30.18 -27.28
N SER D 37 5.54 -29.56 -28.37
CA SER D 37 4.97 -28.28 -28.78
C SER D 37 5.39 -28.02 -30.23
N LYS D 38 4.87 -26.93 -30.77
CA LYS D 38 5.07 -26.54 -32.15
C LYS D 38 5.48 -25.08 -32.21
N PHE D 39 6.14 -24.72 -33.31
CA PHE D 39 6.63 -23.36 -33.48
C PHE D 39 6.79 -23.09 -34.96
N ASP D 40 6.72 -21.81 -35.32
CA ASP D 40 6.95 -21.44 -36.71
C ASP D 40 7.69 -20.11 -36.84
N THR D 41 8.45 -19.71 -35.83
CA THR D 41 9.35 -18.57 -35.92
C THR D 41 10.67 -18.95 -35.28
N VAL D 42 11.71 -18.17 -35.58
CA VAL D 42 13.00 -18.43 -34.95
C VAL D 42 12.93 -18.14 -33.45
N GLU D 43 12.23 -17.07 -33.08
CA GLU D 43 12.02 -16.71 -31.68
C GLU D 43 11.41 -17.86 -30.87
N ASP D 44 10.30 -18.42 -31.37
CA ASP D 44 9.66 -19.52 -30.64
C ASP D 44 10.49 -20.79 -30.69
N PHE D 45 11.29 -20.96 -31.75
CA PHE D 45 12.21 -22.09 -31.76
C PHE D 45 13.17 -21.99 -30.58
N TRP D 46 13.85 -20.84 -30.45
CA TRP D 46 14.83 -20.71 -29.37
C TRP D 46 14.18 -20.79 -28.00
N ALA D 47 12.98 -20.23 -27.87
CA ALA D 47 12.30 -20.30 -26.58
C ALA D 47 12.05 -21.75 -26.18
N LEU D 48 11.75 -22.59 -27.17
CA LEU D 48 11.58 -24.01 -26.88
C LEU D 48 12.92 -24.67 -26.60
N TYR D 49 13.88 -24.49 -27.52
CA TYR D 49 15.19 -25.12 -27.35
C TYR D 49 15.84 -24.70 -26.04
N ASN D 50 15.65 -23.45 -25.62
CA ASN D 50 16.35 -22.98 -24.44
C ASN D 50 15.78 -23.51 -23.13
N HIS D 51 14.57 -24.06 -23.11
CA HIS D 51 14.02 -24.52 -21.84
C HIS D 51 13.97 -26.02 -21.70
N ILE D 52 14.42 -26.78 -22.69
CA ILE D 52 14.38 -28.24 -22.63
C ILE D 52 15.80 -28.77 -22.46
N GLN D 53 15.87 -30.03 -22.02
CA GLN D 53 17.16 -30.67 -21.74
C GLN D 53 17.94 -30.87 -23.02
N LEU D 54 19.25 -30.59 -22.95
CA LEU D 54 20.19 -31.04 -23.97
C LEU D 54 20.08 -32.54 -24.15
N SER D 55 20.31 -32.99 -25.39
CA SER D 55 20.17 -34.41 -25.70
C SER D 55 21.13 -35.25 -24.87
N SER D 56 22.31 -34.70 -24.56
CA SER D 56 23.32 -35.42 -23.79
CA SER D 56 23.32 -35.43 -23.79
C SER D 56 22.94 -35.62 -22.33
N ASN D 57 21.81 -35.05 -21.88
CA ASN D 57 21.37 -35.22 -20.50
C ASN D 57 20.06 -36.00 -20.34
N LEU D 58 19.41 -36.44 -21.41
CA LEU D 58 18.23 -37.29 -21.26
C LEU D 58 18.61 -38.72 -20.93
N MET D 59 17.74 -39.39 -20.18
CA MET D 59 18.03 -40.74 -19.74
C MET D 59 18.16 -41.67 -20.94
N PRO D 60 19.09 -42.62 -20.90
CA PRO D 60 19.27 -43.55 -22.03
C PRO D 60 17.95 -44.17 -22.48
N GLY D 61 17.81 -44.32 -23.80
CA GLY D 61 16.62 -44.86 -24.39
C GLY D 61 15.61 -43.83 -24.86
N CYS D 62 15.93 -42.54 -24.76
CA CYS D 62 15.02 -41.47 -25.15
C CYS D 62 15.44 -40.88 -26.49
N ASP D 63 14.50 -40.20 -27.12
CA ASP D 63 14.73 -39.55 -28.39
C ASP D 63 14.02 -38.20 -28.43
N TYR D 64 14.59 -37.28 -29.17
CA TYR D 64 13.90 -36.08 -29.65
C TYR D 64 13.62 -36.27 -31.12
N SER D 65 12.48 -35.74 -31.56
CA SER D 65 12.11 -35.78 -32.96
C SER D 65 11.51 -34.44 -33.32
N LEU D 66 12.08 -33.78 -34.33
CA LEU D 66 11.50 -32.57 -34.90
C LEU D 66 11.06 -32.87 -36.32
N PHE D 67 9.76 -32.77 -36.56
CA PHE D 67 9.20 -33.04 -37.88
C PHE D 67 8.31 -31.87 -38.30
N LYS D 68 8.19 -31.68 -39.62
CA LYS D 68 7.23 -30.69 -40.12
C LYS D 68 5.85 -31.02 -39.60
N ASP D 69 5.11 -29.97 -39.30
CA ASP D 69 3.78 -30.13 -38.73
C ASP D 69 2.91 -30.96 -39.66
N GLY D 70 2.29 -32.00 -39.10
CA GLY D 70 1.49 -32.93 -39.87
C GLY D 70 2.19 -34.24 -40.22
N ILE D 71 3.52 -34.30 -40.09
CA ILE D 71 4.27 -35.52 -40.36
C ILE D 71 4.69 -36.12 -39.02
N GLU D 72 4.21 -37.27 -38.74
CA GLU D 72 4.54 -37.77 -37.42
C GLU D 72 5.86 -38.53 -37.46
N PRO D 73 6.57 -38.60 -36.33
CA PRO D 73 7.93 -39.17 -36.33
C PRO D 73 7.99 -40.68 -36.42
N MET D 74 7.27 -41.28 -37.38
CA MET D 74 7.27 -42.72 -37.49
C MET D 74 7.17 -43.12 -38.95
N TRP D 75 7.84 -44.22 -39.30
CA TRP D 75 7.90 -44.67 -40.69
C TRP D 75 6.53 -44.92 -41.30
N GLU D 76 5.52 -45.21 -40.48
CA GLU D 76 4.18 -45.48 -41.00
C GLU D 76 3.56 -44.26 -41.70
N ASP D 77 3.96 -43.05 -41.31
CA ASP D 77 3.40 -41.85 -41.94
C ASP D 77 3.51 -41.94 -43.45
N GLU D 78 2.58 -41.30 -44.15
CA GLU D 78 2.54 -41.42 -45.60
CA GLU D 78 2.55 -41.44 -45.60
C GLU D 78 3.80 -40.89 -46.26
N LYS D 79 4.40 -39.84 -45.69
CA LYS D 79 5.59 -39.24 -46.28
C LYS D 79 6.90 -39.82 -45.73
N ASN D 80 6.83 -40.84 -44.88
CA ASN D 80 8.04 -41.51 -44.39
C ASN D 80 8.24 -42.92 -44.95
N LYS D 81 7.21 -43.56 -45.51
CA LYS D 81 7.33 -44.96 -45.92
C LYS D 81 8.22 -45.11 -47.15
N ARG D 82 8.00 -44.29 -48.17
CA ARG D 82 8.84 -44.30 -49.37
C ARG D 82 10.18 -43.59 -49.16
N GLY D 83 10.46 -43.11 -47.96
CA GLY D 83 11.63 -42.31 -47.69
C GLY D 83 12.83 -43.11 -47.27
N GLY D 84 13.80 -42.40 -46.72
CA GLY D 84 14.99 -42.98 -46.13
C GLY D 84 15.52 -42.04 -45.07
N ARG D 85 16.63 -42.44 -44.45
CA ARG D 85 17.27 -41.62 -43.43
C ARG D 85 18.77 -41.57 -43.70
N TRP D 86 19.36 -40.39 -43.55
CA TRP D 86 20.80 -40.24 -43.50
C TRP D 86 21.21 -40.29 -42.04
N LEU D 87 22.05 -41.26 -41.67
CA LEU D 87 22.31 -41.59 -40.27
C LEU D 87 23.72 -41.19 -39.88
N ILE D 88 23.84 -40.48 -38.77
CA ILE D 88 25.11 -40.21 -38.12
C ILE D 88 25.24 -41.23 -37.00
N THR D 89 26.37 -41.92 -36.97
CA THR D 89 26.67 -42.90 -35.95
C THR D 89 27.70 -42.29 -35.02
N LEU D 90 27.34 -42.17 -33.74
CA LEU D 90 28.23 -41.65 -32.71
C LEU D 90 28.80 -42.79 -31.88
N ASN D 91 29.97 -42.55 -31.30
CA ASN D 91 30.53 -43.51 -30.36
C ASN D 91 30.19 -43.07 -28.93
N LYS D 92 30.57 -43.91 -27.97
CA LYS D 92 30.27 -43.63 -26.57
C LYS D 92 30.89 -42.31 -26.11
N GLN D 93 32.05 -41.95 -26.64
CA GLN D 93 32.72 -40.72 -26.23
C GLN D 93 32.17 -39.49 -26.94
N GLN D 94 31.46 -39.67 -28.06
CA GLN D 94 30.92 -38.55 -28.82
C GLN D 94 29.66 -37.95 -28.19
N ARG D 95 29.12 -38.58 -27.14
CA ARG D 95 28.04 -37.92 -26.41
C ARG D 95 28.52 -36.63 -25.76
N ARG D 96 29.64 -36.69 -25.05
CA ARG D 96 30.22 -35.47 -24.50
C ARG D 96 30.66 -34.52 -25.61
N SER D 97 31.16 -35.07 -26.71
CA SER D 97 31.90 -34.31 -27.70
C SER D 97 31.00 -33.66 -28.73
N ASP D 98 30.12 -34.43 -29.36
CA ASP D 98 29.49 -34.00 -30.59
C ASP D 98 27.98 -34.15 -30.62
N LEU D 99 27.37 -34.84 -29.65
CA LEU D 99 25.92 -35.06 -29.69
C LEU D 99 25.16 -33.74 -29.73
N ASP D 100 25.38 -32.88 -28.75
CA ASP D 100 24.58 -31.65 -28.68
C ASP D 100 24.93 -30.69 -29.81
N ARG D 101 26.21 -30.59 -30.16
N ARG D 101 26.21 -30.58 -30.18
CA ARG D 101 26.62 -29.72 -31.26
CA ARG D 101 26.57 -29.68 -31.27
C ARG D 101 25.98 -30.17 -32.57
C ARG D 101 25.98 -30.16 -32.60
N PHE D 102 26.04 -31.47 -32.86
CA PHE D 102 25.46 -32.00 -34.09
C PHE D 102 23.94 -31.84 -34.10
N TRP D 103 23.30 -32.06 -32.95
CA TRP D 103 21.84 -32.00 -32.88
C TRP D 103 21.34 -30.59 -33.10
N LEU D 104 22.03 -29.58 -32.56
CA LEU D 104 21.56 -28.21 -32.75
C LEU D 104 21.69 -27.78 -34.20
N GLU D 105 22.82 -28.07 -34.84
CA GLU D 105 22.96 -27.59 -36.22
C GLU D 105 22.13 -28.41 -37.18
N THR D 106 21.79 -29.64 -36.80
CA THR D 106 20.75 -30.37 -37.52
C THR D 106 19.42 -29.63 -37.45
N LEU D 107 19.05 -29.18 -36.24
CA LEU D 107 17.83 -28.40 -36.07
C LEU D 107 17.87 -27.11 -36.88
N LEU D 108 19.05 -26.49 -36.96
CA LEU D 108 19.22 -25.25 -37.71
C LEU D 108 19.18 -25.49 -39.22
N CYS D 109 19.60 -26.66 -39.69
CA CYS D 109 19.49 -26.99 -41.11
C CYS D 109 18.05 -27.16 -41.51
N LEU D 110 17.23 -27.71 -40.62
CA LEU D 110 15.81 -27.93 -40.87
C LEU D 110 15.06 -26.60 -40.93
N ILE D 111 15.00 -25.89 -39.81
CA ILE D 111 14.15 -24.70 -39.76
C ILE D 111 14.67 -23.60 -40.69
N GLY D 112 15.92 -23.67 -41.12
CA GLY D 112 16.47 -22.69 -42.02
C GLY D 112 16.45 -23.05 -43.48
N GLU D 113 15.87 -24.19 -43.85
CA GLU D 113 15.77 -24.65 -45.24
C GLU D 113 17.09 -24.45 -45.99
N SER D 114 18.16 -24.98 -45.43
CA SER D 114 19.50 -24.76 -45.97
C SER D 114 19.85 -25.69 -47.14
N PHE D 115 18.89 -26.44 -47.70
CA PHE D 115 19.15 -27.45 -48.72
C PHE D 115 18.67 -27.02 -50.11
N ASP D 116 18.71 -25.72 -50.40
CA ASP D 116 18.41 -25.18 -51.73
C ASP D 116 17.00 -25.62 -52.12
N ASP D 117 16.80 -26.21 -53.30
CA ASP D 117 15.48 -26.56 -53.80
C ASP D 117 15.12 -28.02 -53.54
N TYR D 118 15.79 -28.67 -52.58
CA TYR D 118 15.38 -30.01 -52.16
C TYR D 118 14.99 -30.03 -50.68
N SER D 119 14.91 -28.87 -50.04
CA SER D 119 14.44 -28.83 -48.66
C SER D 119 13.06 -29.43 -48.52
N ASP D 120 12.24 -29.33 -49.57
CA ASP D 120 10.92 -29.94 -49.57
C ASP D 120 10.95 -31.46 -49.56
N ASP D 121 12.13 -32.08 -49.62
CA ASP D 121 12.23 -33.51 -49.38
C ASP D 121 12.58 -33.84 -47.94
N VAL D 122 12.99 -32.83 -47.15
CA VAL D 122 13.25 -33.06 -45.74
C VAL D 122 11.94 -33.33 -45.02
N CYS D 123 11.90 -34.42 -44.25
CA CYS D 123 10.77 -34.76 -43.40
C CYS D 123 10.97 -34.29 -41.96
N GLY D 124 12.18 -34.45 -41.42
CA GLY D 124 12.46 -34.16 -40.04
C GLY D 124 13.73 -34.86 -39.62
N ALA D 125 14.09 -34.69 -38.34
CA ALA D 125 15.31 -35.28 -37.80
C ALA D 125 15.02 -35.98 -36.48
N VAL D 126 15.88 -36.94 -36.15
CA VAL D 126 15.73 -37.78 -34.97
C VAL D 126 17.08 -37.89 -34.28
N VAL D 127 17.11 -37.69 -32.98
CA VAL D 127 18.28 -38.03 -32.17
C VAL D 127 17.87 -39.09 -31.15
N ASN D 128 18.52 -40.25 -31.21
CA ASN D 128 18.31 -41.31 -30.23
C ASN D 128 19.42 -41.28 -29.18
N VAL D 129 19.03 -41.25 -27.91
CA VAL D 129 19.97 -41.28 -26.78
C VAL D 129 20.01 -42.72 -26.26
N ARG D 130 21.13 -43.42 -26.48
CA ARG D 130 21.25 -44.82 -26.06
C ARG D 130 22.64 -45.12 -25.52
N ALA D 131 22.66 -45.91 -24.43
CA ALA D 131 23.92 -46.31 -23.81
C ALA D 131 24.86 -46.95 -24.82
N LYS D 132 24.35 -47.84 -25.67
CA LYS D 132 25.19 -48.52 -26.65
C LYS D 132 25.65 -47.59 -27.77
N GLY D 133 25.29 -46.32 -27.75
CA GLY D 133 25.68 -45.39 -28.79
C GLY D 133 24.51 -44.57 -29.28
N ASP D 134 24.72 -43.29 -29.57
CA ASP D 134 23.65 -42.38 -29.96
C ASP D 134 23.65 -42.14 -31.46
N LYS D 135 22.47 -41.82 -32.00
CA LYS D 135 22.27 -41.61 -33.43
C LYS D 135 21.54 -40.30 -33.67
N ILE D 136 21.94 -39.59 -34.70
CA ILE D 136 21.18 -38.47 -35.25
C ILE D 136 21.01 -38.71 -36.74
N ALA D 137 19.78 -38.64 -37.21
CA ALA D 137 19.45 -38.86 -38.62
C ALA D 137 18.57 -37.73 -39.12
N ILE D 138 18.67 -37.45 -40.42
CA ILE D 138 17.74 -36.59 -41.14
C ILE D 138 16.88 -37.48 -42.03
N TRP D 139 15.56 -37.29 -41.96
CA TRP D 139 14.64 -38.09 -42.74
C TRP D 139 14.20 -37.31 -43.97
N THR D 140 14.38 -37.92 -45.14
CA THR D 140 13.81 -37.40 -46.37
C THR D 140 12.68 -38.32 -46.83
N THR D 141 11.82 -37.77 -47.70
CA THR D 141 10.52 -38.37 -47.98
C THR D 141 10.56 -39.44 -49.07
N GLU D 142 11.56 -39.43 -49.94
CA GLU D 142 11.57 -40.32 -51.10
C GLU D 142 12.99 -40.80 -51.34
N CYS D 143 13.27 -42.07 -50.98
CA CYS D 143 14.63 -42.59 -51.03
C CYS D 143 15.14 -42.80 -52.45
N GLU D 144 14.35 -42.55 -53.48
CA GLU D 144 14.80 -42.69 -54.85
C GLU D 144 15.07 -41.36 -55.55
N ASN D 145 14.65 -40.24 -54.96
CA ASN D 145 14.95 -38.93 -55.51
CA ASN D 145 14.95 -38.93 -55.51
C ASN D 145 16.43 -38.63 -55.36
N ARG D 146 17.26 -39.34 -56.13
CA ARG D 146 18.71 -39.29 -55.98
C ARG D 146 19.23 -37.86 -55.91
N ASP D 147 18.79 -37.01 -56.84
CA ASP D 147 19.23 -35.62 -56.85
C ASP D 147 18.96 -34.94 -55.52
N ALA D 148 17.82 -35.24 -54.90
CA ALA D 148 17.48 -34.64 -53.61
C ALA D 148 18.31 -35.26 -52.48
N VAL D 149 18.32 -36.60 -52.40
CA VAL D 149 19.07 -37.27 -51.34
C VAL D 149 20.56 -36.95 -51.44
N THR D 150 21.11 -36.99 -52.65
CA THR D 150 22.54 -36.70 -52.83
C THR D 150 22.88 -35.31 -52.33
N HIS D 151 22.08 -34.31 -52.74
CA HIS D 151 22.40 -32.93 -52.39
C HIS D 151 22.34 -32.71 -50.89
N ILE D 152 21.32 -33.28 -50.23
CA ILE D 152 21.15 -33.08 -48.79
C ILE D 152 22.34 -33.64 -48.03
N GLY D 153 22.88 -34.78 -48.46
CA GLY D 153 24.00 -35.38 -47.76
C GLY D 153 25.26 -34.52 -47.84
N ARG D 154 25.54 -33.97 -49.01
CA ARG D 154 26.78 -33.22 -49.20
C ARG D 154 26.81 -31.93 -48.38
N VAL D 155 25.66 -31.26 -48.27
CA VAL D 155 25.64 -30.01 -47.51
C VAL D 155 25.44 -30.27 -46.02
N TYR D 156 24.70 -31.32 -45.66
CA TYR D 156 24.58 -31.71 -44.26
C TYR D 156 25.96 -32.01 -43.67
N LYS D 157 26.76 -32.83 -44.37
CA LYS D 157 28.12 -33.09 -43.94
C LYS D 157 28.92 -31.79 -43.85
N GLU D 158 28.75 -30.90 -44.84
CA GLU D 158 29.51 -29.66 -44.87
C GLU D 158 29.11 -28.73 -43.71
N ARG D 159 27.84 -28.71 -43.33
CA ARG D 159 27.42 -27.82 -42.26
C ARG D 159 27.84 -28.34 -40.88
N LEU D 160 27.95 -29.66 -40.74
CA LEU D 160 28.40 -30.22 -39.46
C LEU D 160 29.91 -30.09 -39.25
N GLY D 161 30.69 -30.16 -40.32
CA GLY D 161 32.14 -30.10 -40.22
C GLY D 161 32.87 -31.39 -40.50
N LEU D 162 32.17 -32.42 -40.95
CA LEU D 162 32.79 -33.72 -41.14
C LEU D 162 33.79 -33.67 -42.29
N PRO D 163 35.09 -33.76 -42.03
CA PRO D 163 36.02 -33.97 -43.13
C PRO D 163 35.71 -35.29 -43.81
N PRO D 164 35.86 -35.34 -45.13
CA PRO D 164 35.34 -36.49 -45.89
C PRO D 164 36.08 -37.79 -45.63
N LYS D 165 37.00 -37.75 -44.67
CA LYS D 165 37.42 -38.98 -44.03
C LYS D 165 36.21 -39.73 -43.47
N ILE D 166 35.28 -38.99 -42.87
CA ILE D 166 34.04 -39.58 -42.36
C ILE D 166 33.19 -40.06 -43.53
N VAL D 167 32.39 -41.09 -43.27
CA VAL D 167 31.50 -41.63 -44.30
C VAL D 167 30.15 -41.97 -43.68
N TYR D 170 22.96 -43.61 -45.64
CA TYR D 170 21.53 -43.47 -45.93
C TYR D 170 20.83 -44.83 -46.01
N GLN D 171 20.06 -45.17 -44.97
CA GLN D 171 19.35 -46.44 -44.90
C GLN D 171 17.87 -46.21 -45.22
N SER D 172 17.43 -46.73 -46.36
CA SER D 172 16.01 -46.70 -46.71
C SER D 172 15.17 -47.23 -45.55
N HIS D 173 14.17 -46.43 -45.15
CA HIS D 173 13.33 -46.81 -44.02
C HIS D 173 12.62 -48.15 -44.23
N ALA D 174 12.41 -48.56 -45.48
CA ALA D 174 11.76 -49.85 -45.73
C ALA D 174 12.58 -51.00 -45.17
N ASP D 175 13.90 -50.94 -45.32
CA ASP D 175 14.74 -52.04 -44.87
C ASP D 175 14.91 -52.05 -43.35
N THR D 176 14.90 -50.87 -42.73
CA THR D 176 15.21 -50.77 -41.30
C THR D 176 14.30 -51.68 -40.48
N ALA D 177 12.99 -51.57 -40.67
CA ALA D 177 12.04 -52.49 -40.04
C ALA D 177 11.72 -53.64 -40.98
N THR D 184 20.47 -50.69 -43.03
CA THR D 184 21.85 -51.16 -42.87
C THR D 184 22.49 -51.50 -44.22
N LYS D 185 21.81 -51.13 -45.30
CA LYS D 185 22.37 -51.16 -46.65
C LYS D 185 22.41 -49.73 -47.17
N ASN D 186 23.46 -48.99 -46.80
CA ASN D 186 23.59 -47.60 -47.20
C ASN D 186 23.44 -47.44 -48.70
N ARG D 187 22.47 -46.62 -49.12
CA ARG D 187 22.22 -46.41 -50.54
C ARG D 187 23.06 -45.29 -51.13
N PHE D 188 23.33 -44.25 -50.36
CA PHE D 188 24.20 -43.16 -50.79
C PHE D 188 25.30 -42.97 -49.76
N VAL D 189 26.39 -42.34 -50.20
CA VAL D 189 27.56 -42.11 -49.36
C VAL D 189 28.14 -40.74 -49.73
N VAL D 190 28.42 -39.93 -48.73
CA VAL D 190 29.05 -38.63 -48.97
C VAL D 190 30.23 -38.46 -48.01
#